data_8C1B
#
_entry.id   8C1B
#
_cell.length_a   1.00
_cell.length_b   1.00
_cell.length_c   1.00
_cell.angle_alpha   90.00
_cell.angle_beta   90.00
_cell.angle_gamma   90.00
#
_symmetry.space_group_name_H-M   'P 1'
#
loop_
_entity.id
_entity.type
_entity.pdbx_description
1 polymer 'Immunoglobulin heavy constant epsilon'
2 polymer 'High affinity immunoglobulin epsilon receptor subunit alpha'
3 branched alpha-D-mannopyranose-(1-3)-[alpha-D-mannopyranose-(1-6)]beta-D-mannopyranose-(1-4)-2-acetamido-2-deoxy-beta-D-glucopyranose-(1-4)-2-acetamido-2-deoxy-beta-D-glucopyranose
4 branched alpha-D-mannopyranose-(1-4)-2-acetamido-2-deoxy-beta-D-glucopyranose-(1-4)-2-acetamido-2-deoxy-beta-D-glucopyranose
5 non-polymer 2-acetamido-2-deoxy-beta-D-glucopyranose
#
loop_
_entity_poly.entity_id
_entity_poly.type
_entity_poly.pdbx_seq_one_letter_code
_entity_poly.pdbx_strand_id
1 'polypeptide(L)'
;DFTPPTVKILQSSCDGGGHFPPTIQLLCLVSGYTPGTINITWLEDGQVMDVDLSTASTTQEGELASTQSELTLSQKHWLS
DRTYTCQVTYQGHTFEDSTKKCADSNPRGVSAYLSRPSPFDLFIRKSPTITCLVVDLAPSKGTVNLTWSRASGKPVNHST
RKEEKQRNGTLTVTSTLPVGTRDWIEGETYQCRVTHPHLPRALMRSTTKTSGPRAAPEVYAFATPEWPGSRDKRTLACLI
QNFMPEDISVQWLHNEVQLPDARHSTTQPRKTKGSGFFVFSRLEVTRAEWEQKDEFICRAVHEAASPSQTVQRAVSSVA
;
H,X
2 'polypeptide(L)'
;KPKVSLNPPWNRIFKGENVTLTCNGNNFFEVSSTKWFHNGSLSEETNSSLNIVNAKFEDSGEYKCQHQQVNESEPVYLEV
FSDWLLLQASAEVVMEGQPLFLRCHGWRNWDVYKVIYYKDGEALKYWYENHNISITNATVEDSGTYYCTGKVWQLDYESE
PLNITVIKA
;
R
#
loop_
_chem_comp.id
_chem_comp.type
_chem_comp.name
_chem_comp.formula
BMA D-saccharide, beta linking beta-D-mannopyranose 'C6 H12 O6'
MAN D-saccharide, alpha linking alpha-D-mannopyranose 'C6 H12 O6'
NAG D-saccharide, beta linking 2-acetamido-2-deoxy-beta-D-glucopyranose 'C8 H15 N O6'
#
# COMPACT_ATOMS: atom_id res chain seq x y z
N ASP A 1 13.74 10.02 41.17
CA ASP A 1 14.57 9.08 40.42
C ASP A 1 13.99 7.67 40.50
N PHE A 2 13.75 7.07 39.32
CA PHE A 2 13.25 5.72 39.20
C PHE A 2 14.08 4.98 38.16
N THR A 3 14.07 3.65 38.26
CA THR A 3 14.78 2.84 37.30
C THR A 3 14.12 2.95 35.91
N PRO A 4 14.89 3.04 34.81
CA PRO A 4 14.25 3.08 33.49
C PRO A 4 13.52 1.78 33.19
N PRO A 5 12.24 1.82 32.79
CA PRO A 5 11.67 0.67 32.08
C PRO A 5 12.24 0.56 30.67
N THR A 6 12.18 -0.66 30.14
CA THR A 6 12.49 -0.93 28.74
C THR A 6 11.34 -1.72 28.12
N VAL A 7 11.26 -1.64 26.79
CA VAL A 7 10.17 -2.22 26.00
C VAL A 7 10.77 -3.08 24.90
N LYS A 8 10.26 -4.30 24.74
CA LYS A 8 10.56 -5.08 23.55
C LYS A 8 9.33 -5.86 23.11
N ILE A 9 9.22 -6.10 21.81
CA ILE A 9 8.09 -6.82 21.21
C ILE A 9 8.61 -8.10 20.59
N LEU A 10 8.01 -9.22 20.99
CA LEU A 10 8.20 -10.52 20.37
C LEU A 10 6.95 -10.84 19.55
N GLN A 11 7.08 -11.77 18.61
CA GLN A 11 5.96 -12.16 17.76
C GLN A 11 5.98 -13.66 17.55
N SER A 12 4.80 -14.19 17.19
CA SER A 12 4.66 -15.55 16.68
C SER A 12 5.69 -15.86 15.59
N SER A 13 6.21 -17.07 15.63
CA SER A 13 7.05 -17.60 14.56
C SER A 13 6.16 -18.24 13.51
N CYS A 14 6.45 -17.97 12.24
CA CYS A 14 5.86 -18.79 11.20
C CYS A 14 6.44 -20.21 11.31
N ASP A 15 5.79 -21.17 10.65
CA ASP A 15 6.12 -22.58 10.86
C ASP A 15 7.30 -23.11 10.04
N GLY A 16 7.52 -24.43 10.14
CA GLY A 16 8.61 -25.16 9.50
C GLY A 16 8.58 -25.14 7.99
N GLY A 17 7.47 -24.77 7.37
CA GLY A 17 7.38 -24.59 5.93
C GLY A 17 7.47 -23.15 5.52
N GLY A 18 7.67 -22.22 6.47
CA GLY A 18 7.69 -20.81 6.20
C GLY A 18 6.34 -20.15 6.18
N HIS A 19 5.28 -20.81 6.64
CA HIS A 19 3.93 -20.27 6.49
C HIS A 19 3.52 -19.64 7.81
N PHE A 20 2.82 -18.52 7.70
CA PHE A 20 2.29 -17.80 8.84
C PHE A 20 1.20 -18.63 9.54
N PRO A 21 1.06 -18.56 10.86
CA PRO A 21 -0.14 -19.13 11.45
C PRO A 21 -1.35 -18.30 11.05
N PRO A 22 -2.57 -18.80 11.24
CA PRO A 22 -3.75 -18.03 10.77
C PRO A 22 -4.01 -16.76 11.54
N THR A 23 -3.53 -16.65 12.78
CA THR A 23 -3.51 -15.38 13.50
C THR A 23 -2.09 -15.16 14.01
N ILE A 24 -1.76 -13.89 14.21
CA ILE A 24 -0.44 -13.46 14.66
C ILE A 24 -0.61 -12.83 16.03
N GLN A 25 0.20 -13.27 16.99
CA GLN A 25 0.26 -12.68 18.31
C GLN A 25 1.48 -11.78 18.40
N LEU A 26 1.29 -10.56 18.87
CA LEU A 26 2.38 -9.65 19.22
C LEU A 26 2.39 -9.48 20.73
N LEU A 27 3.54 -9.74 21.36
CA LEU A 27 3.68 -9.68 22.81
C LEU A 27 4.65 -8.55 23.15
N CYS A 28 4.11 -7.45 23.66
CA CYS A 28 4.89 -6.30 24.12
C CYS A 28 5.25 -6.53 25.58
N LEU A 29 6.55 -6.59 25.89
CA LEU A 29 7.07 -6.88 27.23
C LEU A 29 7.71 -5.63 27.78
N VAL A 30 7.22 -5.17 28.93
CA VAL A 30 7.77 -4.08 29.72
C VAL A 30 8.42 -4.65 30.98
N SER A 31 9.75 -4.80 30.91
CA SER A 31 10.61 -5.37 31.94
C SER A 31 10.59 -4.54 33.22
N GLY A 32 11.31 -5.00 34.25
CA GLY A 32 11.29 -4.46 35.60
C GLY A 32 11.35 -2.97 35.85
N TYR A 33 10.25 -2.43 36.42
CA TYR A 33 10.13 -1.01 36.75
C TYR A 33 9.57 -0.81 38.16
N THR A 34 9.80 0.39 38.68
CA THR A 34 9.27 0.88 39.96
C THR A 34 7.75 0.82 39.93
N PRO A 35 7.06 0.16 40.88
CA PRO A 35 5.59 0.04 40.82
C PRO A 35 4.84 1.35 40.62
N GLY A 36 3.90 1.35 39.69
CA GLY A 36 3.14 2.54 39.40
C GLY A 36 2.04 2.25 38.40
N THR A 37 1.26 3.27 38.12
CA THR A 37 0.18 3.16 37.14
C THR A 37 0.78 3.14 35.74
N ILE A 38 0.28 2.25 34.89
CA ILE A 38 0.87 1.99 33.57
C ILE A 38 -0.26 1.70 32.60
N ASN A 39 -0.14 2.27 31.39
CA ASN A 39 -1.08 2.06 30.30
C ASN A 39 -0.32 1.63 29.07
N ILE A 40 -0.88 0.66 28.34
CA ILE A 40 -0.34 0.20 27.06
C ILE A 40 -1.40 0.43 26.00
N THR A 41 -1.02 1.14 24.93
CA THR A 41 -1.87 1.37 23.76
C THR A 41 -1.15 0.82 22.54
N TRP A 42 -1.89 0.09 21.70
CA TRP A 42 -1.36 -0.39 20.43
C TRP A 42 -1.84 0.55 19.33
N LEU A 43 -0.94 0.89 18.40
CA LEU A 43 -1.25 1.74 17.25
C LEU A 43 -0.96 0.94 15.98
N GLU A 44 -1.81 1.10 14.97
CA GLU A 44 -1.64 0.50 13.65
C GLU A 44 -1.45 1.67 12.68
N ASP A 45 -0.24 1.79 12.15
CA ASP A 45 0.21 2.93 11.35
C ASP A 45 -0.15 4.27 12.02
N GLY A 46 -0.02 4.30 13.34
CA GLY A 46 -0.22 5.47 14.14
C GLY A 46 -1.63 5.71 14.68
N GLN A 47 -2.63 4.94 14.25
CA GLN A 47 -4.01 5.16 14.69
C GLN A 47 -4.38 4.17 15.79
N VAL A 48 -4.94 4.69 16.89
CA VAL A 48 -5.33 3.85 18.02
C VAL A 48 -6.40 2.82 17.65
N MET A 49 -6.14 1.55 17.97
CA MET A 49 -7.11 0.48 17.79
C MET A 49 -7.92 0.35 19.08
N ASP A 50 -9.14 -0.16 18.94
CA ASP A 50 -10.00 -0.38 20.11
C ASP A 50 -9.33 -1.37 21.07
N VAL A 51 -9.31 -1.00 22.35
CA VAL A 51 -8.70 -1.81 23.42
C VAL A 51 -9.33 -3.21 23.54
N ASP A 52 -10.53 -3.43 23.01
CA ASP A 52 -11.15 -4.75 23.07
C ASP A 52 -10.35 -5.80 22.31
N LEU A 53 -9.56 -5.39 21.31
CA LEU A 53 -8.84 -6.31 20.44
C LEU A 53 -7.52 -6.81 21.05
N SER A 54 -7.17 -6.41 22.27
CA SER A 54 -5.91 -6.80 22.90
C SER A 54 -6.15 -7.03 24.39
N THR A 55 -5.25 -7.78 25.01
CA THR A 55 -5.20 -7.99 26.46
C THR A 55 -3.95 -7.36 27.06
N ALA A 56 -3.93 -7.35 28.40
CA ALA A 56 -2.80 -6.87 29.17
C ALA A 56 -2.79 -7.53 30.54
N SER A 57 -1.59 -7.75 31.08
CA SER A 57 -1.38 -8.44 32.35
C SER A 57 -0.19 -7.79 33.05
N THR A 58 -0.35 -7.58 34.36
CA THR A 58 0.68 -7.05 35.24
C THR A 58 0.89 -8.00 36.42
N THR A 59 2.14 -8.39 36.64
CA THR A 59 2.53 -9.15 37.83
C THR A 59 3.57 -8.36 38.59
N GLN A 60 3.73 -8.71 39.87
CA GLN A 60 4.76 -8.13 40.74
C GLN A 60 5.54 -9.26 41.40
N GLU A 61 6.86 -9.17 41.32
CA GLU A 61 7.78 -10.10 41.95
C GLU A 61 8.71 -9.30 42.86
N GLY A 62 8.59 -9.53 44.16
CA GLY A 62 9.36 -8.78 45.13
C GLY A 62 8.94 -7.32 45.13
N GLU A 63 9.92 -6.46 44.87
CA GLU A 63 9.76 -5.03 44.82
C GLU A 63 9.68 -4.50 43.38
N LEU A 64 9.60 -5.40 42.38
CA LEU A 64 9.64 -5.01 40.97
C LEU A 64 8.41 -5.55 40.24
N ALA A 65 7.84 -4.72 39.37
CA ALA A 65 6.69 -5.09 38.55
C ALA A 65 7.14 -5.50 37.16
N SER A 66 6.30 -6.28 36.49
CA SER A 66 6.52 -6.72 35.12
C SER A 66 5.17 -6.68 34.41
N THR A 67 5.18 -6.21 33.16
CA THR A 67 3.95 -6.04 32.39
C THR A 67 4.09 -6.64 31.01
N GLN A 68 3.03 -7.30 30.55
CA GLN A 68 2.96 -7.83 29.20
C GLN A 68 1.62 -7.42 28.61
N SER A 69 1.61 -7.20 27.30
CA SER A 69 0.40 -6.92 26.54
C SER A 69 0.39 -7.76 25.28
N GLU A 70 -0.76 -8.35 24.97
CA GLU A 70 -0.90 -9.24 23.82
C GLU A 70 -1.91 -8.63 22.85
N LEU A 71 -1.53 -8.58 21.56
CA LEU A 71 -2.39 -8.13 20.47
C LEU A 71 -2.53 -9.26 19.46
N THR A 72 -3.76 -9.47 18.97
CA THR A 72 -4.06 -10.52 18.00
C THR A 72 -4.42 -9.86 16.68
N LEU A 73 -3.84 -10.37 15.59
CA LEU A 73 -4.02 -9.83 14.25
C LEU A 73 -4.35 -10.95 13.28
N SER A 74 -5.10 -10.62 12.22
CA SER A 74 -5.32 -11.57 11.15
C SER A 74 -4.05 -11.69 10.32
N GLN A 75 -3.89 -12.86 9.67
CA GLN A 75 -2.76 -13.05 8.76
C GLN A 75 -2.77 -12.01 7.63
N LYS A 76 -3.96 -11.64 7.16
CA LYS A 76 -4.07 -10.68 6.05
C LYS A 76 -3.48 -9.33 6.41
N HIS A 77 -3.81 -8.82 7.60
CA HIS A 77 -3.28 -7.54 8.04
C HIS A 77 -1.77 -7.59 8.21
N TRP A 78 -1.25 -8.69 8.77
CA TRP A 78 0.19 -8.82 8.93
C TRP A 78 0.89 -8.83 7.57
N LEU A 79 0.32 -9.56 6.60
CA LEU A 79 0.90 -9.62 5.27
C LEU A 79 0.73 -8.33 4.47
N SER A 80 -0.12 -7.40 4.93
CA SER A 80 -0.31 -6.13 4.25
C SER A 80 0.76 -5.08 4.59
N ASP A 81 1.80 -5.44 5.35
CA ASP A 81 2.98 -4.62 5.60
C ASP A 81 2.69 -3.37 6.44
N ARG A 82 1.63 -3.38 7.23
CA ARG A 82 1.35 -2.28 8.14
C ARG A 82 2.30 -2.32 9.33
N THR A 83 2.55 -1.14 9.91
CA THR A 83 3.50 -0.98 11.01
C THR A 83 2.70 -0.81 12.29
N TYR A 84 3.13 -1.53 13.34
CA TYR A 84 2.47 -1.57 14.63
C TYR A 84 3.39 -1.05 15.71
N THR A 85 2.84 -0.22 16.60
CA THR A 85 3.58 0.47 17.65
C THR A 85 3.01 0.11 19.01
N CYS A 86 3.88 -0.30 19.92
CA CYS A 86 3.54 -0.50 21.33
C CYS A 86 3.92 0.77 22.08
N GLN A 87 2.90 1.45 22.61
CA GLN A 87 2.99 2.74 23.29
C GLN A 87 2.77 2.54 24.78
N VAL A 88 3.78 2.84 25.58
CA VAL A 88 3.73 2.65 27.03
C VAL A 88 3.69 4.03 27.67
N THR A 89 2.71 4.26 28.56
CA THR A 89 2.61 5.47 29.34
C THR A 89 2.82 5.10 30.80
N TYR A 90 3.85 5.67 31.41
CA TYR A 90 4.23 5.39 32.79
C TYR A 90 4.61 6.70 33.46
N GLN A 91 3.91 7.02 34.55
CA GLN A 91 4.11 8.25 35.34
C GLN A 91 4.26 9.50 34.48
N GLY A 92 3.40 9.64 33.47
CA GLY A 92 3.47 10.83 32.66
C GLY A 92 4.64 10.88 31.69
N HIS A 93 5.34 9.77 31.48
CA HIS A 93 6.44 9.65 30.53
C HIS A 93 6.09 8.54 29.52
N THR A 94 6.44 8.78 28.26
CA THR A 94 6.07 7.89 27.16
C THR A 94 7.32 7.13 26.70
N PHE A 95 7.16 5.82 26.56
CA PHE A 95 8.10 4.91 25.93
C PHE A 95 7.43 4.31 24.70
N GLU A 96 8.24 3.77 23.78
CA GLU A 96 7.66 3.16 22.59
C GLU A 96 8.62 2.19 21.92
N ASP A 97 8.02 1.31 21.11
CA ASP A 97 8.79 0.40 20.27
C ASP A 97 7.88 0.12 19.08
N SER A 98 8.48 -0.29 17.95
CA SER A 98 7.76 -0.49 16.70
C SER A 98 8.16 -1.80 16.04
N THR A 99 7.29 -2.27 15.16
CA THR A 99 7.48 -3.49 14.40
C THR A 99 6.66 -3.41 13.13
N LYS A 100 7.13 -4.08 12.08
CA LYS A 100 6.30 -4.37 10.91
C LYS A 100 6.66 -5.78 10.47
N LYS A 101 5.90 -6.31 9.50
CA LYS A 101 6.24 -7.60 8.90
C LYS A 101 7.71 -7.61 8.48
N CYS A 102 8.38 -8.70 8.82
CA CYS A 102 9.80 -8.83 8.50
C CYS A 102 9.99 -8.86 6.98
N ALA A 103 11.24 -8.87 6.54
CA ALA A 103 11.48 -9.04 5.11
C ALA A 103 12.95 -9.37 4.89
N ASP A 104 13.20 -10.13 3.82
CA ASP A 104 14.58 -10.39 3.41
C ASP A 104 15.22 -9.14 2.82
N SER A 105 14.45 -8.37 2.05
CA SER A 105 14.92 -7.11 1.48
C SER A 105 13.74 -6.15 1.40
N ASN A 106 14.04 -4.87 1.58
CA ASN A 106 13.04 -3.80 1.66
C ASN A 106 13.45 -2.66 0.75
N PRO A 107 13.37 -2.84 -0.56
CA PRO A 107 13.65 -1.70 -1.46
C PRO A 107 12.56 -0.65 -1.34
N ARG A 108 12.98 0.60 -1.56
CA ARG A 108 12.08 1.73 -1.54
C ARG A 108 12.71 2.84 -2.36
N GLY A 109 11.86 3.66 -2.97
CA GLY A 109 12.32 4.83 -3.70
C GLY A 109 11.54 6.06 -3.28
N VAL A 110 12.07 7.21 -3.67
CA VAL A 110 11.44 8.47 -3.32
C VAL A 110 10.23 8.72 -4.21
N SER A 111 9.16 9.25 -3.61
CA SER A 111 7.96 9.70 -4.31
C SER A 111 7.62 11.08 -3.80
N ALA A 112 6.80 11.81 -4.57
CA ALA A 112 6.47 13.20 -4.26
C ALA A 112 5.03 13.51 -4.64
N TYR A 113 4.41 14.35 -3.81
CA TYR A 113 3.01 14.74 -3.91
C TYR A 113 2.95 16.24 -3.67
N LEU A 114 2.00 16.91 -4.34
CA LEU A 114 1.86 18.35 -4.26
C LEU A 114 0.38 18.69 -4.15
N SER A 115 0.01 19.41 -3.09
CA SER A 115 -1.38 19.70 -2.80
C SER A 115 -1.75 21.06 -3.36
N ARG A 116 -3.05 21.30 -3.52
CA ARG A 116 -3.59 22.63 -3.72
C ARG A 116 -3.98 23.26 -2.38
N PRO A 117 -4.18 24.57 -2.33
CA PRO A 117 -4.64 25.18 -1.09
C PRO A 117 -6.06 24.73 -0.83
N SER A 118 -6.44 24.66 0.44
CA SER A 118 -7.82 24.28 0.72
C SER A 118 -8.72 25.50 0.52
N PRO A 119 -9.99 25.31 0.12
CA PRO A 119 -10.91 26.45 0.06
C PRO A 119 -11.06 27.20 1.36
N PHE A 120 -11.08 26.49 2.49
CA PHE A 120 -11.12 27.15 3.80
C PHE A 120 -9.94 28.10 3.96
N ASP A 121 -8.74 27.63 3.62
CA ASP A 121 -7.57 28.49 3.72
C ASP A 121 -7.63 29.62 2.70
N LEU A 122 -8.16 29.35 1.51
CA LEU A 122 -8.20 30.37 0.46
C LEU A 122 -9.17 31.51 0.78
N PHE A 123 -10.36 31.20 1.29
CA PHE A 123 -11.47 32.15 1.32
C PHE A 123 -11.94 32.55 2.71
N ILE A 124 -11.70 31.72 3.73
CA ILE A 124 -12.04 32.02 5.12
C ILE A 124 -10.82 32.53 5.87
N ARG A 125 -9.79 31.71 5.95
CA ARG A 125 -8.56 32.12 6.62
C ARG A 125 -7.84 33.23 5.86
N LYS A 126 -8.05 33.30 4.55
CA LYS A 126 -7.41 34.26 3.66
C LYS A 126 -5.89 34.19 3.76
N SER A 127 -5.37 32.98 3.80
CA SER A 127 -3.93 32.75 3.86
C SER A 127 -3.62 31.46 3.14
N PRO A 128 -3.74 31.40 1.82
CA PRO A 128 -3.60 30.10 1.15
C PRO A 128 -2.14 29.69 1.08
N THR A 129 -1.92 28.39 1.11
CA THR A 129 -0.60 27.81 1.01
C THR A 129 -0.67 26.57 0.14
N ILE A 130 0.49 26.16 -0.39
CA ILE A 130 0.62 24.87 -1.04
C ILE A 130 1.72 24.09 -0.35
N THR A 131 1.61 22.77 -0.36
CA THR A 131 2.56 21.89 0.31
C THR A 131 3.08 20.86 -0.67
N CYS A 132 4.41 20.74 -0.74
CA CYS A 132 5.07 19.68 -1.48
C CYS A 132 5.60 18.69 -0.44
N LEU A 133 5.12 17.45 -0.51
CA LEU A 133 5.46 16.41 0.46
C LEU A 133 6.23 15.34 -0.30
N VAL A 134 7.46 15.05 0.12
CA VAL A 134 8.28 14.03 -0.52
C VAL A 134 8.55 12.95 0.52
N VAL A 135 8.15 11.73 0.20
CA VAL A 135 8.18 10.60 1.13
C VAL A 135 8.91 9.42 0.50
N ASP A 136 9.35 8.51 1.37
CA ASP A 136 10.01 7.24 1.03
C ASP A 136 11.40 7.45 0.41
N LEU A 137 12.05 8.58 0.68
CA LEU A 137 13.45 8.73 0.28
C LEU A 137 14.30 7.83 1.15
N ALA A 138 15.40 7.35 0.59
CA ALA A 138 16.34 6.57 1.37
C ALA A 138 17.27 7.52 2.13
N PRO A 139 17.36 7.45 3.49
CA PRO A 139 18.27 8.37 4.19
C PRO A 139 19.73 8.13 3.88
N SER A 140 20.14 8.62 2.72
CA SER A 140 21.52 8.57 2.26
C SER A 140 22.30 9.69 2.94
N LYS A 141 23.47 10.01 2.38
CA LYS A 141 24.21 11.19 2.80
C LYS A 141 23.73 12.44 2.07
N GLY A 142 23.39 13.46 2.87
CA GLY A 142 23.17 14.83 2.42
C GLY A 142 21.73 15.28 2.45
N THR A 143 21.53 16.60 2.49
CA THR A 143 20.21 17.20 2.43
C THR A 143 19.64 17.14 1.02
N VAL A 144 18.31 17.03 0.93
CA VAL A 144 17.62 16.85 -0.34
C VAL A 144 17.22 18.24 -0.85
N ASN A 145 17.58 18.55 -2.09
CA ASN A 145 17.33 19.88 -2.63
C ASN A 145 15.88 20.01 -3.05
N LEU A 146 15.23 21.08 -2.59
CA LEU A 146 13.80 21.31 -2.81
C LEU A 146 13.60 22.78 -3.15
N THR A 147 13.18 23.05 -4.40
CA THR A 147 13.11 24.40 -4.93
C THR A 147 11.73 24.67 -5.51
N TRP A 148 11.19 25.85 -5.19
CA TRP A 148 9.90 26.32 -5.68
C TRP A 148 10.09 27.29 -6.83
N SER A 149 9.20 27.22 -7.82
CA SER A 149 9.22 28.21 -8.88
C SER A 149 7.81 28.42 -9.43
N ARG A 150 7.64 29.53 -10.14
CA ARG A 150 6.40 29.87 -10.82
C ARG A 150 6.68 29.88 -12.31
N ALA A 151 5.71 29.40 -13.10
CA ALA A 151 5.86 29.40 -14.55
C ALA A 151 6.05 30.80 -15.12
N SER A 152 5.47 31.81 -14.47
CA SER A 152 5.63 33.18 -14.93
C SER A 152 7.01 33.77 -14.70
N GLY A 153 7.86 33.14 -13.90
CA GLY A 153 9.14 33.73 -13.58
C GLY A 153 9.11 34.79 -12.50
N LYS A 154 7.94 35.09 -11.94
CA LYS A 154 7.85 36.07 -10.88
C LYS A 154 8.38 35.45 -9.58
N PRO A 155 8.75 36.27 -8.58
CA PRO A 155 9.46 35.70 -7.44
C PRO A 155 8.51 34.91 -6.55
N VAL A 156 9.07 33.91 -5.88
CA VAL A 156 8.36 33.12 -4.88
C VAL A 156 8.66 33.70 -3.50
N ASN A 157 7.74 33.45 -2.56
CA ASN A 157 7.97 33.80 -1.17
C ASN A 157 8.91 32.80 -0.53
N HIS A 158 9.40 33.13 0.66
CA HIS A 158 10.17 32.17 1.42
C HIS A 158 9.26 31.05 1.90
N SER A 159 9.75 29.82 1.80
CA SER A 159 9.01 28.64 2.25
C SER A 159 9.57 28.18 3.58
N THR A 160 8.80 27.33 4.26
CA THR A 160 9.24 26.63 5.47
C THR A 160 9.42 25.15 5.15
N ARG A 161 10.35 24.51 5.86
CA ARG A 161 10.79 23.14 5.57
C ARG A 161 10.89 22.35 6.87
N LYS A 162 10.24 21.18 6.91
CA LYS A 162 10.33 20.22 8.00
C LYS A 162 10.84 18.89 7.49
N GLU A 163 11.73 18.26 8.25
CA GLU A 163 12.21 16.91 7.95
C GLU A 163 11.95 16.06 9.18
N GLU A 164 11.29 14.91 9.01
CA GLU A 164 10.84 14.12 10.13
C GLU A 164 11.07 12.65 9.78
N LYS A 165 11.82 11.96 10.65
CA LYS A 165 12.07 10.52 10.56
C LYS A 165 10.81 9.73 10.92
N GLN A 166 10.53 8.69 10.14
CA GLN A 166 9.29 7.93 10.31
C GLN A 166 9.56 6.61 11.01
N ARG A 167 8.47 6.02 11.52
CA ARG A 167 8.56 4.75 12.23
C ARG A 167 9.09 3.64 11.33
N ASN A 168 8.68 3.63 10.05
CA ASN A 168 9.15 2.62 9.11
C ASN A 168 10.58 2.86 8.62
N GLY A 169 11.33 3.83 9.17
CA GLY A 169 12.72 4.03 8.84
C GLY A 169 13.00 5.05 7.75
N THR A 170 11.99 5.61 7.09
CA THR A 170 12.23 6.60 6.05
C THR A 170 12.26 7.99 6.67
N LEU A 171 12.57 8.99 5.83
CA LEU A 171 12.60 10.40 6.20
C LEU A 171 11.64 11.17 5.30
N THR A 172 10.52 11.63 5.85
CA THR A 172 9.57 12.43 5.09
C THR A 172 9.93 13.91 5.23
N VAL A 173 10.00 14.61 4.10
CA VAL A 173 10.30 16.05 4.07
C VAL A 173 9.07 16.76 3.52
N THR A 174 8.64 17.79 4.25
CA THR A 174 7.48 18.60 3.92
C THR A 174 7.94 20.04 3.74
N SER A 175 7.58 20.64 2.61
CA SER A 175 7.85 22.06 2.36
C SER A 175 6.53 22.77 2.10
N THR A 176 6.31 23.87 2.82
CA THR A 176 5.08 24.65 2.72
C THR A 176 5.40 26.05 2.23
N LEU A 177 4.76 26.45 1.13
CA LEU A 177 5.01 27.72 0.45
C LEU A 177 3.74 28.57 0.55
N PRO A 178 3.76 29.77 1.13
CA PRO A 178 2.60 30.67 0.99
C PRO A 178 2.44 31.13 -0.44
N VAL A 179 1.18 31.16 -0.91
CA VAL A 179 0.84 31.65 -2.24
C VAL A 179 -0.06 32.86 -2.12
N GLY A 180 0.05 33.75 -3.09
CA GLY A 180 -0.84 34.88 -3.17
C GLY A 180 -2.26 34.47 -3.50
N THR A 181 -3.23 35.11 -2.83
CA THR A 181 -4.62 34.73 -3.03
C THR A 181 -5.09 35.12 -4.42
N ARG A 182 -4.79 36.35 -4.84
CA ARG A 182 -5.12 36.79 -6.18
C ARG A 182 -4.32 36.03 -7.22
N ASP A 183 -3.03 35.77 -6.95
CA ASP A 183 -2.21 34.95 -7.83
C ASP A 183 -2.85 33.61 -8.09
N TRP A 184 -3.28 32.92 -7.03
CA TRP A 184 -3.85 31.59 -7.19
C TRP A 184 -5.18 31.68 -7.92
N ILE A 185 -6.04 32.62 -7.51
CA ILE A 185 -7.37 32.73 -8.11
C ILE A 185 -7.28 33.08 -9.59
N GLU A 186 -6.21 33.77 -10.00
CA GLU A 186 -6.10 34.22 -11.39
C GLU A 186 -5.35 33.20 -12.26
N GLY A 187 -5.04 32.02 -11.71
CA GLY A 187 -4.65 30.89 -12.53
C GLY A 187 -3.14 30.67 -12.57
N GLU A 188 -2.41 31.18 -11.58
CA GLU A 188 -0.97 30.96 -11.54
C GLU A 188 -0.68 29.48 -11.33
N THR A 189 0.43 29.02 -11.90
CA THR A 189 0.91 27.66 -11.75
C THR A 189 2.20 27.64 -10.94
N TYR A 190 2.24 26.80 -9.90
CA TYR A 190 3.38 26.66 -9.02
C TYR A 190 4.01 25.28 -9.25
N GLN A 191 5.33 25.23 -9.20
CA GLN A 191 6.09 24.01 -9.45
C GLN A 191 6.99 23.75 -8.25
N CYS A 192 7.03 22.48 -7.84
CA CYS A 192 7.96 21.93 -6.87
C CYS A 192 8.96 21.06 -7.61
N ARG A 193 10.25 21.35 -7.44
CA ARG A 193 11.35 20.63 -8.06
C ARG A 193 12.25 20.02 -7.00
N VAL A 194 12.48 18.71 -7.12
CA VAL A 194 13.17 17.90 -6.13
C VAL A 194 14.41 17.35 -6.83
N THR A 195 15.58 17.62 -6.25
CA THR A 195 16.86 17.15 -6.73
C THR A 195 17.62 16.52 -5.58
N HIS A 196 18.55 15.63 -5.92
CA HIS A 196 19.41 14.98 -4.94
C HIS A 196 20.54 14.31 -5.74
N PRO A 197 21.79 14.28 -5.24
CA PRO A 197 22.88 13.70 -6.06
C PRO A 197 22.68 12.25 -6.41
N HIS A 198 22.02 11.49 -5.56
CA HIS A 198 21.79 10.08 -5.80
C HIS A 198 20.57 9.82 -6.69
N LEU A 199 19.79 10.85 -7.03
CA LEU A 199 18.68 10.64 -7.93
C LEU A 199 19.16 10.54 -9.38
N PRO A 200 18.49 9.76 -10.24
CA PRO A 200 18.89 9.75 -11.66
C PRO A 200 18.59 11.07 -12.33
N ARG A 201 17.38 11.58 -12.15
CA ARG A 201 16.94 12.84 -12.72
C ARG A 201 16.14 13.59 -11.67
N ALA A 202 15.79 14.83 -11.99
CA ALA A 202 14.95 15.63 -11.12
C ALA A 202 13.50 15.16 -11.17
N LEU A 203 12.85 15.21 -10.01
CA LEU A 203 11.43 14.92 -9.87
C LEU A 203 10.73 16.26 -9.90
N MET A 204 9.65 16.36 -10.68
CA MET A 204 8.90 17.60 -10.85
C MET A 204 7.42 17.40 -10.65
N ARG A 205 6.81 18.29 -9.86
CA ARG A 205 5.37 18.31 -9.65
C ARG A 205 4.91 19.75 -9.85
N SER A 206 3.67 19.91 -10.31
CA SER A 206 3.10 21.22 -10.53
C SER A 206 1.63 21.23 -10.13
N THR A 207 1.12 22.43 -9.84
CA THR A 207 -0.25 22.58 -9.38
C THR A 207 -0.79 23.93 -9.84
N THR A 208 -2.09 23.95 -10.09
CA THR A 208 -2.78 25.12 -10.63
C THR A 208 -4.28 24.95 -10.42
N LYS A 209 -4.99 26.06 -10.47
CA LYS A 209 -6.44 26.06 -10.26
C LYS A 209 -7.09 25.23 -11.37
N THR A 210 -8.09 24.42 -11.00
CA THR A 210 -8.73 23.56 -11.99
C THR A 210 -9.47 24.37 -13.05
N SER A 211 -9.25 24.00 -14.30
CA SER A 211 -9.84 24.65 -15.47
C SER A 211 -11.23 24.16 -15.84
N GLY A 212 -11.78 23.18 -15.13
CA GLY A 212 -13.13 22.74 -15.39
C GLY A 212 -14.16 23.79 -15.07
N PRO A 213 -15.42 23.51 -15.42
CA PRO A 213 -16.50 24.46 -15.15
C PRO A 213 -16.83 24.50 -13.68
N ARG A 214 -17.67 25.47 -13.31
CA ARG A 214 -18.02 25.74 -11.92
C ARG A 214 -19.48 25.40 -11.67
N ALA A 215 -19.78 24.98 -10.46
CA ALA A 215 -21.15 24.74 -10.03
C ALA A 215 -21.18 24.80 -8.51
N ALA A 216 -22.24 25.37 -7.95
CA ALA A 216 -22.28 25.60 -6.52
C ALA A 216 -22.70 24.32 -5.79
N PRO A 217 -22.24 24.09 -4.56
CA PRO A 217 -22.69 22.89 -3.83
C PRO A 217 -24.11 23.03 -3.32
N GLU A 218 -24.84 21.92 -3.37
CA GLU A 218 -26.06 21.73 -2.59
C GLU A 218 -25.67 21.04 -1.29
N VAL A 219 -26.30 21.43 -0.19
CA VAL A 219 -26.01 20.92 1.15
C VAL A 219 -27.29 20.42 1.81
N TYR A 220 -27.20 19.27 2.48
CA TYR A 220 -28.30 18.68 3.23
C TYR A 220 -27.74 18.07 4.50
N ALA A 221 -28.27 18.47 5.67
CA ALA A 221 -27.85 17.92 6.96
C ALA A 221 -28.98 17.16 7.64
N PHE A 222 -28.60 16.08 8.34
CA PHE A 222 -29.54 15.14 8.96
C PHE A 222 -29.00 14.67 10.31
N ALA A 223 -29.94 14.25 11.17
CA ALA A 223 -29.65 13.58 12.44
C ALA A 223 -30.34 12.23 12.41
N THR A 224 -29.68 11.21 12.95
CA THR A 224 -30.32 9.92 13.14
C THR A 224 -31.33 9.92 14.30
N PRO A 225 -32.30 9.01 14.28
CA PRO A 225 -33.33 9.01 15.33
C PRO A 225 -32.83 8.43 16.64
N GLU A 226 -33.61 8.68 17.69
CA GLU A 226 -33.38 8.04 18.99
C GLU A 226 -33.88 6.60 19.00
N TRP A 227 -33.08 5.71 19.59
CA TRP A 227 -33.44 4.31 19.74
C TRP A 227 -32.63 3.75 20.92
N PRO A 228 -32.88 2.49 21.32
CA PRO A 228 -32.19 1.94 22.51
C PRO A 228 -30.67 1.95 22.39
N GLY A 229 -30.01 2.02 23.55
CA GLY A 229 -28.56 1.95 23.61
C GLY A 229 -27.89 3.28 23.32
N SER A 230 -28.16 3.83 22.13
CA SER A 230 -27.56 5.06 21.63
C SER A 230 -28.38 6.28 22.10
N ARG A 231 -28.55 6.34 23.41
CA ARG A 231 -29.35 7.35 24.10
C ARG A 231 -28.62 8.69 24.15
N ASP A 232 -27.33 8.64 24.43
CA ASP A 232 -26.42 9.76 24.60
C ASP A 232 -25.48 9.86 23.39
N LYS A 233 -25.82 9.18 22.29
CA LYS A 233 -25.12 9.34 21.02
C LYS A 233 -26.14 9.34 19.89
N ARG A 234 -26.15 10.43 19.13
CA ARG A 234 -27.15 10.79 18.13
C ARG A 234 -26.50 11.31 16.87
N THR A 235 -25.61 10.49 16.28
CA THR A 235 -24.79 10.74 15.08
C THR A 235 -25.48 11.63 14.05
N LEU A 236 -24.77 12.68 13.63
CA LEU A 236 -25.21 13.58 12.58
C LEU A 236 -24.41 13.36 11.31
N ALA A 237 -25.05 13.69 10.17
CA ALA A 237 -24.46 13.50 8.86
C ALA A 237 -24.80 14.70 7.98
N CYS A 238 -23.94 14.92 6.98
CA CYS A 238 -24.12 16.01 6.03
C CYS A 238 -23.70 15.50 4.65
N LEU A 239 -24.54 15.79 3.67
CA LEU A 239 -24.32 15.48 2.27
C LEU A 239 -24.09 16.77 1.48
N ILE A 240 -22.97 16.84 0.78
CA ILE A 240 -22.59 17.97 -0.06
C ILE A 240 -22.44 17.42 -1.47
N GLN A 241 -23.15 17.99 -2.45
CA GLN A 241 -23.24 17.35 -3.75
C GLN A 241 -23.48 18.35 -4.88
N ASN A 242 -23.24 17.87 -6.12
CA ASN A 242 -23.50 18.60 -7.36
C ASN A 242 -22.61 19.84 -7.54
N PHE A 243 -21.47 19.85 -6.86
CA PHE A 243 -20.48 20.94 -6.94
C PHE A 243 -19.44 20.63 -8.02
N MET A 244 -18.79 21.70 -8.50
CA MET A 244 -17.72 21.65 -9.49
C MET A 244 -16.89 22.90 -9.20
N PRO A 245 -15.54 22.82 -9.17
CA PRO A 245 -14.66 21.65 -9.35
C PRO A 245 -14.67 20.80 -8.08
N GLU A 246 -13.78 19.82 -7.94
CA GLU A 246 -13.92 18.82 -6.88
C GLU A 246 -13.41 19.30 -5.53
N ASP A 247 -12.52 20.28 -5.49
CA ASP A 247 -11.90 20.69 -4.25
C ASP A 247 -12.90 21.37 -3.33
N ILE A 248 -13.05 20.87 -2.11
CA ILE A 248 -14.01 21.41 -1.15
C ILE A 248 -13.48 21.21 0.27
N SER A 249 -13.84 22.15 1.16
CA SER A 249 -13.57 22.05 2.59
C SER A 249 -14.87 22.02 3.37
N VAL A 250 -15.04 21.02 4.24
CA VAL A 250 -16.23 20.87 5.07
C VAL A 250 -15.82 21.01 6.53
N GLN A 251 -16.55 21.83 7.27
CA GLN A 251 -16.36 21.99 8.70
C GLN A 251 -17.72 21.93 9.37
N TRP A 252 -17.71 21.65 10.67
CA TRP A 252 -18.88 21.75 11.54
C TRP A 252 -18.74 22.86 12.56
N LEU A 253 -19.80 23.64 12.71
CA LEU A 253 -19.87 24.77 13.62
C LEU A 253 -20.95 24.50 14.65
N HIS A 254 -20.67 24.88 15.90
CA HIS A 254 -21.60 24.69 17.01
C HIS A 254 -21.39 25.82 18.00
N ASN A 255 -22.46 26.61 18.23
CA ASN A 255 -22.50 27.61 19.30
C ASN A 255 -21.32 28.59 19.18
N GLU A 256 -21.10 29.07 17.96
CA GLU A 256 -20.08 30.07 17.69
C GLU A 256 -18.67 29.55 17.98
N VAL A 257 -18.42 28.25 17.78
CA VAL A 257 -17.07 27.73 17.68
C VAL A 257 -17.05 26.72 16.55
N GLN A 258 -16.03 26.79 15.71
CA GLN A 258 -15.78 25.76 14.72
C GLN A 258 -15.01 24.62 15.36
N LEU A 259 -15.66 23.46 15.45
CA LEU A 259 -15.15 22.31 16.14
C LEU A 259 -13.91 21.79 15.41
N PRO A 260 -12.95 21.17 16.11
CA PRO A 260 -11.76 20.65 15.41
C PRO A 260 -12.11 19.62 14.36
N ASP A 261 -11.30 19.62 13.30
CA ASP A 261 -11.48 18.70 12.18
C ASP A 261 -11.47 17.24 12.62
N ALA A 262 -10.68 16.90 13.65
CA ALA A 262 -10.57 15.51 14.06
C ALA A 262 -11.87 14.94 14.63
N ARG A 263 -12.82 15.80 15.01
CA ARG A 263 -14.05 15.29 15.63
C ARG A 263 -14.91 14.53 14.64
N HIS A 264 -14.84 14.87 13.35
CA HIS A 264 -15.69 14.33 12.31
C HIS A 264 -14.84 13.67 11.23
N SER A 265 -15.49 12.79 10.48
CA SER A 265 -14.90 12.10 9.33
C SER A 265 -15.54 12.61 8.06
N THR A 266 -14.80 12.56 6.95
CA THR A 266 -15.27 13.07 5.67
C THR A 266 -14.73 12.19 4.55
N THR A 267 -15.63 11.77 3.66
CA THR A 267 -15.26 10.89 2.56
C THR A 267 -14.49 11.66 1.50
N GLN A 268 -13.87 10.92 0.59
CA GLN A 268 -13.19 11.54 -0.54
C GLN A 268 -14.20 11.90 -1.63
N PRO A 269 -14.03 13.04 -2.33
CA PRO A 269 -14.99 13.38 -3.41
C PRO A 269 -15.03 12.30 -4.49
N ARG A 270 -16.25 11.91 -4.86
CA ARG A 270 -16.49 10.94 -5.92
C ARG A 270 -17.48 11.53 -6.91
N LYS A 271 -17.44 11.04 -8.14
CA LYS A 271 -18.29 11.57 -9.20
C LYS A 271 -19.74 11.10 -9.02
N THR A 272 -20.68 12.02 -9.14
CA THR A 272 -22.07 11.62 -9.31
C THR A 272 -22.28 11.04 -10.70
N LYS A 273 -23.36 10.26 -10.85
CA LYS A 273 -23.69 9.67 -12.15
C LYS A 273 -23.89 10.72 -13.22
N GLY A 274 -24.57 11.82 -12.90
CA GLY A 274 -24.74 12.92 -13.82
C GLY A 274 -23.59 13.91 -13.75
N SER A 275 -23.82 15.06 -13.10
CA SER A 275 -22.91 16.19 -13.16
C SER A 275 -22.54 16.61 -11.75
N GLY A 276 -21.25 16.58 -11.46
CA GLY A 276 -20.68 17.04 -10.22
C GLY A 276 -20.17 15.90 -9.35
N PHE A 277 -19.67 16.31 -8.19
CA PHE A 277 -19.05 15.43 -7.21
C PHE A 277 -19.93 15.44 -5.97
N PHE A 278 -19.65 14.50 -5.06
CA PHE A 278 -20.29 14.53 -3.75
C PHE A 278 -19.34 14.05 -2.67
N VAL A 279 -19.60 14.52 -1.45
CA VAL A 279 -18.96 14.02 -0.24
C VAL A 279 -20.00 13.88 0.85
N PHE A 280 -19.72 12.98 1.80
CA PHE A 280 -20.44 12.81 3.03
C PHE A 280 -19.52 13.15 4.18
N SER A 281 -20.07 13.78 5.22
CA SER A 281 -19.37 14.00 6.48
C SER A 281 -20.21 13.46 7.62
N ARG A 282 -19.54 12.82 8.58
CA ARG A 282 -20.16 12.19 9.74
C ARG A 282 -19.57 12.73 11.03
N LEU A 283 -20.43 13.15 11.95
CA LEU A 283 -20.03 13.74 13.23
C LEU A 283 -20.82 13.09 14.36
N GLU A 284 -20.11 12.40 15.23
CA GLU A 284 -20.66 11.85 16.47
C GLU A 284 -20.64 12.94 17.52
N VAL A 285 -21.78 13.13 18.19
CA VAL A 285 -21.96 14.16 19.20
C VAL A 285 -22.40 13.53 20.52
N THR A 286 -22.20 14.27 21.60
CA THR A 286 -22.49 13.84 22.96
C THR A 286 -23.66 14.64 23.53
N ARG A 287 -24.26 14.09 24.59
CA ARG A 287 -25.41 14.70 25.23
C ARG A 287 -25.13 16.12 25.70
N ALA A 288 -23.96 16.34 26.32
CA ALA A 288 -23.62 17.67 26.81
C ALA A 288 -23.57 18.71 25.70
N GLU A 289 -23.20 18.32 24.48
CA GLU A 289 -23.13 19.29 23.41
C GLU A 289 -24.51 19.75 22.97
N TRP A 290 -25.44 18.82 22.73
CA TRP A 290 -26.73 19.27 22.27
C TRP A 290 -27.56 19.85 23.41
N GLU A 291 -27.27 19.49 24.66
CA GLU A 291 -27.90 20.19 25.77
C GLU A 291 -27.34 21.60 25.94
N GLN A 292 -26.08 21.83 25.56
CA GLN A 292 -25.56 23.19 25.52
C GLN A 292 -26.27 24.00 24.45
N LYS A 293 -26.24 23.51 23.22
CA LYS A 293 -27.00 24.07 22.11
C LYS A 293 -27.18 22.97 21.08
N ASP A 294 -28.41 22.74 20.66
CA ASP A 294 -28.70 21.61 19.77
C ASP A 294 -28.66 21.99 18.29
N GLU A 295 -28.31 23.24 17.97
CA GLU A 295 -28.18 23.67 16.59
C GLU A 295 -26.75 23.39 16.15
N PHE A 296 -26.60 22.53 15.15
CA PHE A 296 -25.31 22.16 14.59
C PHE A 296 -25.33 22.51 13.12
N ILE A 297 -24.30 23.23 12.67
CA ILE A 297 -24.24 23.78 11.33
C ILE A 297 -23.17 23.03 10.57
N CYS A 298 -23.55 22.47 9.42
CA CYS A 298 -22.61 21.93 8.45
C CYS A 298 -22.29 23.03 7.46
N ARG A 299 -21.01 23.34 7.28
CA ARG A 299 -20.56 24.44 6.44
C ARG A 299 -19.59 23.89 5.41
N ALA A 300 -19.81 24.25 4.15
CA ALA A 300 -18.91 23.95 3.04
C ALA A 300 -18.30 25.24 2.51
N VAL A 301 -17.00 25.20 2.25
CA VAL A 301 -16.25 26.26 1.60
C VAL A 301 -15.84 25.71 0.25
N HIS A 302 -16.18 26.44 -0.82
CA HIS A 302 -16.02 25.95 -2.17
C HIS A 302 -15.96 27.15 -3.10
N GLU A 303 -15.11 27.05 -4.14
CA GLU A 303 -14.82 28.20 -5.00
C GLU A 303 -16.05 28.71 -5.74
N ALA A 304 -16.99 27.82 -6.04
CA ALA A 304 -18.18 28.17 -6.79
C ALA A 304 -19.36 28.59 -5.92
N ALA A 305 -19.23 28.53 -4.60
CA ALA A 305 -20.30 28.97 -3.73
C ALA A 305 -20.40 30.48 -3.79
N SER A 306 -21.61 30.99 -3.52
CA SER A 306 -21.95 32.39 -3.61
C SER A 306 -22.69 32.82 -2.34
N PRO A 307 -22.63 34.12 -1.96
CA PRO A 307 -21.90 35.26 -2.56
C PRO A 307 -20.46 35.38 -2.04
N SER A 308 -20.05 34.57 -1.04
CA SER A 308 -18.78 34.74 -0.34
C SER A 308 -18.02 33.42 -0.22
N GLN A 309 -18.21 32.50 -1.18
CA GLN A 309 -17.46 31.25 -1.23
C GLN A 309 -17.76 30.35 -0.03
N THR A 310 -18.92 30.54 0.62
CA THR A 310 -19.37 29.65 1.68
C THR A 310 -20.85 29.33 1.49
N VAL A 311 -21.22 28.13 1.93
CA VAL A 311 -22.61 27.69 2.02
C VAL A 311 -22.76 26.92 3.33
N GLN A 312 -23.85 27.14 4.07
CA GLN A 312 -24.03 26.46 5.35
C GLN A 312 -25.50 26.14 5.58
N ARG A 313 -25.73 25.10 6.37
CA ARG A 313 -27.06 24.63 6.74
C ARG A 313 -27.08 24.16 8.18
N ALA A 314 -28.15 24.51 8.91
CA ALA A 314 -28.31 24.13 10.31
C ALA A 314 -29.21 22.92 10.43
N VAL A 315 -28.98 22.11 11.47
CA VAL A 315 -29.86 21.01 11.85
C VAL A 315 -30.02 21.01 13.35
N SER A 316 -31.22 20.67 13.82
CA SER A 316 -31.52 20.48 15.23
C SER A 316 -31.95 19.04 15.46
N SER A 317 -31.30 18.36 16.41
CA SER A 317 -31.55 16.95 16.62
C SER A 317 -32.96 16.68 17.13
N VAL A 318 -33.46 17.54 18.01
CA VAL A 318 -34.79 17.31 18.58
C VAL A 318 -35.88 17.50 17.53
N ALA A 319 -35.65 18.33 16.52
CA ALA A 319 -36.62 18.57 15.46
C ALA A 319 -35.91 18.96 14.17
N LYS B 1 38.45 2.25 -46.12
CA LYS B 1 38.40 3.22 -45.00
C LYS B 1 38.35 2.49 -43.66
N PRO B 2 38.60 3.18 -42.53
CA PRO B 2 38.31 2.57 -41.23
C PRO B 2 36.84 2.77 -40.86
N LYS B 3 36.37 1.95 -39.93
CA LYS B 3 35.06 2.04 -39.31
C LYS B 3 35.24 2.30 -37.83
N VAL B 4 34.17 2.77 -37.19
CA VAL B 4 34.22 3.16 -35.78
C VAL B 4 33.44 2.13 -34.95
N SER B 5 34.13 1.57 -33.96
CA SER B 5 33.63 0.55 -33.07
C SER B 5 33.46 1.18 -31.69
N LEU B 6 32.48 0.68 -30.97
CA LEU B 6 32.08 1.13 -29.65
C LEU B 6 32.27 0.00 -28.66
N ASN B 7 32.92 0.27 -27.54
CA ASN B 7 32.99 -0.69 -26.44
C ASN B 7 32.55 0.05 -25.17
N PRO B 8 31.40 -0.33 -24.54
CA PRO B 8 30.45 -1.37 -24.97
C PRO B 8 29.76 -0.92 -26.27
N PRO B 9 29.11 -1.78 -27.07
CA PRO B 9 28.62 -1.36 -28.40
C PRO B 9 27.56 -0.25 -28.38
N TRP B 10 26.90 -0.05 -27.26
CA TRP B 10 25.73 0.79 -27.13
C TRP B 10 26.03 2.28 -27.29
N ASN B 11 25.41 2.86 -28.32
CA ASN B 11 25.50 4.28 -28.67
C ASN B 11 24.58 5.17 -27.83
N ARG B 12 23.86 4.60 -26.86
CA ARG B 12 23.00 5.35 -25.95
C ARG B 12 23.44 4.93 -24.55
N ILE B 13 23.95 5.89 -23.78
CA ILE B 13 24.41 5.68 -22.42
C ILE B 13 23.68 6.63 -21.48
N PHE B 14 23.94 6.45 -20.19
CA PHE B 14 23.47 7.33 -19.13
C PHE B 14 24.58 8.33 -18.83
N LYS B 15 24.23 9.39 -18.10
CA LYS B 15 25.25 10.31 -17.64
C LYS B 15 26.23 9.58 -16.72
N GLY B 16 27.49 9.99 -16.75
CA GLY B 16 28.49 9.45 -15.87
C GLY B 16 29.12 8.13 -16.28
N GLU B 17 28.52 7.43 -17.23
CA GLU B 17 29.02 6.15 -17.73
C GLU B 17 30.21 6.38 -18.65
N ASN B 18 31.02 5.33 -18.79
CA ASN B 18 32.17 5.40 -19.67
C ASN B 18 31.76 4.73 -20.96
N VAL B 19 32.68 4.79 -21.94
CA VAL B 19 32.60 4.20 -23.28
C VAL B 19 33.93 4.51 -23.92
N THR B 20 34.35 3.66 -24.85
CA THR B 20 35.65 3.74 -25.48
C THR B 20 35.44 3.55 -26.98
N LEU B 21 35.76 4.58 -27.74
CA LEU B 21 35.61 4.52 -29.19
C LEU B 21 36.93 4.05 -29.79
N THR B 22 36.91 2.88 -30.42
CA THR B 22 38.05 2.28 -31.10
C THR B 22 37.69 2.29 -32.58
N CYS B 23 38.68 2.40 -33.45
CA CYS B 23 38.32 2.61 -34.86
C CYS B 23 39.48 2.14 -35.72
N ASN B 24 39.15 1.30 -36.70
CA ASN B 24 40.14 0.51 -37.39
C ASN B 24 39.61 0.09 -38.75
N GLY B 25 40.54 -0.27 -39.64
CA GLY B 25 40.20 -0.72 -40.97
C GLY B 25 41.25 -1.66 -41.53
N ASN B 26 41.23 -1.86 -42.85
CA ASN B 26 42.27 -2.63 -43.50
C ASN B 26 43.61 -1.94 -43.32
N ASN B 27 44.64 -2.73 -43.04
CA ASN B 27 45.98 -2.20 -42.75
C ASN B 27 46.79 -2.00 -44.02
N PHE B 28 46.22 -1.27 -44.98
CA PHE B 28 46.99 -0.87 -46.16
C PHE B 28 48.11 0.09 -45.77
N PHE B 29 47.81 0.99 -44.84
CA PHE B 29 48.78 1.89 -44.22
C PHE B 29 48.95 1.51 -42.76
N GLU B 30 50.19 1.49 -42.29
CA GLU B 30 50.48 1.02 -40.94
C GLU B 30 49.89 1.96 -39.89
N VAL B 31 49.54 1.38 -38.75
CA VAL B 31 48.86 2.11 -37.68
C VAL B 31 49.90 2.92 -36.90
N SER B 32 49.85 4.24 -37.05
CA SER B 32 50.78 5.17 -36.41
C SER B 32 50.09 6.17 -35.50
N SER B 33 49.07 6.86 -35.97
CA SER B 33 48.39 7.89 -35.19
C SER B 33 47.01 8.12 -35.76
N THR B 34 46.12 8.67 -34.93
CA THR B 34 44.73 8.89 -35.31
C THR B 34 44.32 10.30 -34.91
N LYS B 35 43.26 10.81 -35.55
CA LYS B 35 42.66 12.10 -35.27
C LYS B 35 41.22 11.88 -34.82
N TRP B 36 40.72 12.68 -33.88
CA TRP B 36 39.35 12.54 -33.38
C TRP B 36 38.57 13.84 -33.62
N PHE B 37 37.26 13.72 -33.88
CA PHE B 37 36.38 14.83 -34.24
C PHE B 37 35.04 14.83 -33.51
N HIS B 38 35.02 15.36 -32.29
CA HIS B 38 33.81 15.54 -31.48
C HIS B 38 33.06 16.79 -31.96
N ASN B 39 31.82 16.61 -32.46
CA ASN B 39 30.95 17.72 -32.94
C ASN B 39 31.43 18.45 -34.21
N GLY B 40 32.68 18.27 -34.63
CA GLY B 40 33.32 18.96 -35.74
C GLY B 40 34.70 19.47 -35.38
N SER B 41 34.92 19.84 -34.12
CA SER B 41 36.22 20.30 -33.63
C SER B 41 37.18 19.12 -33.48
N LEU B 42 38.45 19.32 -33.86
CA LEU B 42 39.45 18.27 -33.67
C LEU B 42 39.78 18.11 -32.18
N SER B 43 39.71 16.88 -31.69
CA SER B 43 40.06 16.53 -30.31
C SER B 43 41.56 16.27 -30.18
N GLU B 44 42.07 16.53 -28.97
CA GLU B 44 43.48 16.39 -28.61
C GLU B 44 43.91 14.94 -28.29
N GLU B 45 43.39 13.93 -28.99
CA GLU B 45 43.77 12.54 -28.78
C GLU B 45 44.39 11.94 -30.03
N THR B 46 45.58 11.34 -29.86
CA THR B 46 46.31 10.69 -30.94
C THR B 46 46.04 9.20 -30.99
N ASN B 47 46.08 8.52 -29.83
CA ASN B 47 45.86 7.09 -29.64
C ASN B 47 44.69 6.57 -30.47
N SER B 48 44.80 5.32 -30.90
CA SER B 48 43.73 4.78 -31.73
C SER B 48 42.41 4.58 -30.98
N SER B 49 42.44 4.46 -29.65
CA SER B 49 41.22 4.37 -28.84
C SER B 49 41.04 5.59 -27.97
N LEU B 50 39.86 6.22 -28.05
CA LEU B 50 39.53 7.38 -27.22
C LEU B 50 38.65 6.91 -26.07
N ASN B 51 39.06 7.21 -24.84
CA ASN B 51 38.33 6.79 -23.63
C ASN B 51 37.41 7.92 -23.15
N ILE B 52 36.16 7.93 -23.59
CA ILE B 52 35.22 8.91 -23.07
C ILE B 52 34.81 8.43 -21.67
N VAL B 53 35.44 9.03 -20.66
CA VAL B 53 35.23 8.81 -19.24
C VAL B 53 34.25 9.84 -18.68
N ASN B 54 33.44 9.40 -17.70
CA ASN B 54 32.41 10.16 -16.98
C ASN B 54 31.65 11.15 -17.88
N ALA B 55 30.64 10.62 -18.58
CA ALA B 55 29.92 11.40 -19.57
C ALA B 55 29.20 12.58 -18.93
N LYS B 56 29.27 13.73 -19.59
CA LYS B 56 28.48 14.92 -19.32
C LYS B 56 27.49 15.12 -20.45
N PHE B 57 26.56 16.08 -20.26
CA PHE B 57 25.56 16.33 -21.28
C PHE B 57 26.21 16.80 -22.57
N GLU B 58 27.31 17.55 -22.45
CA GLU B 58 27.99 18.08 -23.62
C GLU B 58 28.73 16.98 -24.39
N ASP B 59 28.89 15.80 -23.78
CA ASP B 59 29.44 14.63 -24.48
C ASP B 59 28.51 14.04 -25.53
N SER B 60 27.30 14.57 -25.71
CA SER B 60 26.41 14.11 -26.76
C SER B 60 26.95 14.53 -28.12
N GLY B 61 26.34 14.00 -29.18
CA GLY B 61 26.61 14.51 -30.51
C GLY B 61 27.46 13.56 -31.35
N GLU B 62 27.62 13.97 -32.61
CA GLU B 62 28.35 13.30 -33.68
C GLU B 62 29.82 13.12 -33.27
N TYR B 63 30.30 11.89 -33.45
CA TYR B 63 31.67 11.47 -33.21
C TYR B 63 32.24 10.98 -34.52
N LYS B 64 33.56 11.13 -34.65
CA LYS B 64 34.24 10.66 -35.83
C LYS B 64 35.73 10.56 -35.60
N CYS B 65 36.39 9.66 -36.35
CA CYS B 65 37.80 9.36 -36.22
C CYS B 65 38.42 9.47 -37.60
N GLN B 66 39.75 9.44 -37.67
CA GLN B 66 40.42 9.54 -38.95
C GLN B 66 41.84 9.03 -38.77
N HIS B 67 42.43 8.56 -39.85
CA HIS B 67 43.84 8.18 -39.95
C HIS B 67 44.57 9.05 -40.99
N GLN B 68 45.77 8.61 -41.36
CA GLN B 68 46.59 9.25 -42.39
C GLN B 68 46.10 8.94 -43.83
N GLN B 69 44.91 8.37 -44.03
CA GLN B 69 44.36 8.22 -45.37
C GLN B 69 43.86 9.58 -45.86
N VAL B 70 43.13 9.57 -46.98
CA VAL B 70 42.57 10.77 -47.59
C VAL B 70 41.07 10.97 -47.33
N ASN B 71 40.39 9.98 -46.74
CA ASN B 71 38.94 10.07 -46.56
C ASN B 71 38.56 9.68 -45.13
N GLU B 72 37.45 10.22 -44.65
CA GLU B 72 37.07 10.13 -43.25
C GLU B 72 36.15 8.94 -42.98
N SER B 73 35.91 8.69 -41.69
CA SER B 73 35.18 7.55 -41.14
C SER B 73 33.85 8.07 -40.62
N GLU B 74 32.75 7.40 -41.03
CA GLU B 74 31.38 7.89 -40.89
C GLU B 74 31.04 8.49 -39.52
N PRO B 75 29.88 9.19 -39.39
CA PRO B 75 29.64 10.00 -38.19
C PRO B 75 28.84 9.14 -37.23
N VAL B 76 29.44 8.31 -36.38
CA VAL B 76 28.62 7.65 -35.37
C VAL B 76 28.08 8.69 -34.39
N TYR B 77 26.84 8.50 -33.93
CA TYR B 77 26.17 9.48 -33.08
C TYR B 77 26.01 8.90 -31.70
N LEU B 78 26.25 9.71 -30.66
CA LEU B 78 26.19 9.25 -29.27
C LEU B 78 25.28 10.19 -28.51
N GLU B 79 24.09 9.72 -28.15
CA GLU B 79 23.18 10.49 -27.30
C GLU B 79 23.46 10.14 -25.85
N VAL B 80 23.49 11.15 -24.98
CA VAL B 80 23.63 10.97 -23.53
C VAL B 80 22.40 11.53 -22.81
N PHE B 81 21.76 10.69 -21.99
CA PHE B 81 20.54 11.04 -21.27
C PHE B 81 20.78 10.90 -19.78
N SER B 82 20.01 11.66 -19.02
CA SER B 82 19.80 11.43 -17.58
C SER B 82 18.31 11.19 -17.41
N ASP B 83 17.96 10.07 -16.80
CA ASP B 83 16.58 9.64 -16.66
C ASP B 83 16.61 8.40 -15.78
N TRP B 84 15.47 7.72 -15.66
CA TRP B 84 15.40 6.52 -14.83
C TRP B 84 15.66 5.25 -15.64
N LEU B 85 15.00 5.11 -16.79
CA LEU B 85 15.15 3.94 -17.66
C LEU B 85 15.50 4.33 -19.09
N LEU B 86 16.62 3.80 -19.59
CA LEU B 86 17.01 3.96 -20.99
C LEU B 86 16.93 2.59 -21.65
N LEU B 87 16.07 2.43 -22.66
CA LEU B 87 16.00 1.18 -23.42
C LEU B 87 17.18 1.23 -24.37
N GLN B 88 18.31 0.65 -23.99
CA GLN B 88 19.47 0.64 -24.87
C GLN B 88 19.27 -0.38 -25.98
N ALA B 89 19.96 -0.15 -27.10
CA ALA B 89 19.93 -0.99 -28.28
C ALA B 89 21.30 -1.05 -28.94
N SER B 90 21.63 -2.23 -29.47
CA SER B 90 22.88 -2.45 -30.17
C SER B 90 23.10 -1.46 -31.32
N ALA B 91 22.31 -1.56 -32.39
CA ALA B 91 22.40 -0.65 -33.53
C ALA B 91 21.04 -0.14 -33.94
N GLU B 92 21.02 1.11 -34.42
CA GLU B 92 19.78 1.80 -34.80
C GLU B 92 19.32 1.46 -36.22
N VAL B 93 20.21 1.04 -37.11
CA VAL B 93 19.83 0.54 -38.43
C VAL B 93 20.60 -0.75 -38.62
N VAL B 94 19.86 -1.81 -38.99
CA VAL B 94 20.43 -3.13 -39.20
C VAL B 94 19.99 -3.70 -40.54
N MET B 95 20.75 -4.68 -41.02
CA MET B 95 20.44 -5.50 -42.19
C MET B 95 20.11 -6.90 -41.69
N GLU B 96 18.98 -7.44 -42.19
CA GLU B 96 18.41 -8.76 -41.85
C GLU B 96 19.43 -9.81 -41.42
N GLY B 97 19.07 -10.61 -40.42
CA GLY B 97 19.90 -11.71 -39.99
C GLY B 97 21.07 -11.32 -39.09
N GLN B 98 21.36 -10.03 -38.94
CA GLN B 98 22.41 -9.66 -37.99
C GLN B 98 21.83 -9.73 -36.56
N PRO B 99 22.66 -9.96 -35.54
CA PRO B 99 22.13 -9.97 -34.17
C PRO B 99 21.69 -8.60 -33.69
N LEU B 100 20.56 -8.58 -32.96
CA LEU B 100 20.05 -7.36 -32.34
C LEU B 100 19.78 -7.68 -30.89
N PHE B 101 20.43 -6.94 -29.99
CA PHE B 101 20.24 -7.08 -28.55
C PHE B 101 19.60 -5.80 -28.04
N LEU B 102 18.51 -5.93 -27.29
CA LEU B 102 17.87 -4.80 -26.61
C LEU B 102 17.90 -5.05 -25.10
N ARG B 103 17.97 -3.98 -24.31
CA ARG B 103 18.22 -4.12 -22.87
C ARG B 103 17.64 -2.89 -22.19
N CYS B 104 16.66 -3.08 -21.30
CA CYS B 104 16.04 -1.97 -20.60
C CYS B 104 16.84 -1.70 -19.34
N HIS B 105 17.71 -0.67 -19.42
CA HIS B 105 18.76 -0.35 -18.47
C HIS B 105 18.38 0.73 -17.48
N GLY B 106 18.83 0.56 -16.23
CA GLY B 106 18.53 1.44 -15.12
C GLY B 106 19.79 2.12 -14.58
N TRP B 107 19.58 3.37 -14.11
CA TRP B 107 20.61 4.23 -13.53
C TRP B 107 21.58 3.53 -12.58
N ARG B 108 22.85 3.43 -12.98
CA ARG B 108 23.93 2.94 -12.12
C ARG B 108 23.73 1.48 -11.70
N ASN B 109 23.53 0.59 -12.69
CA ASN B 109 23.42 -0.85 -12.45
C ASN B 109 22.20 -1.26 -11.61
N TRP B 110 21.28 -0.35 -11.33
CA TRP B 110 20.10 -0.63 -10.52
C TRP B 110 19.23 -1.64 -11.24
N ASP B 111 18.50 -2.45 -10.46
CA ASP B 111 17.74 -3.54 -11.03
C ASP B 111 16.27 -3.14 -11.15
N VAL B 112 15.83 -3.16 -12.40
CA VAL B 112 14.49 -2.86 -12.87
C VAL B 112 13.70 -4.16 -12.94
N TYR B 113 12.55 -4.18 -12.27
CA TYR B 113 11.69 -5.34 -12.17
C TYR B 113 10.47 -5.11 -13.05
N LYS B 114 9.62 -6.13 -13.14
CA LYS B 114 8.38 -6.15 -13.95
C LYS B 114 8.54 -5.46 -15.31
N VAL B 115 9.60 -5.84 -16.02
CA VAL B 115 9.97 -5.20 -17.28
C VAL B 115 9.14 -5.72 -18.45
N ILE B 116 8.55 -4.81 -19.22
CA ILE B 116 7.76 -5.14 -20.40
C ILE B 116 8.26 -4.26 -21.54
N TYR B 117 8.60 -4.89 -22.67
CA TYR B 117 8.94 -4.21 -23.91
C TYR B 117 7.71 -4.02 -24.77
N TYR B 118 7.64 -2.86 -25.42
CA TYR B 118 6.60 -2.51 -26.37
C TYR B 118 7.25 -2.23 -27.72
N LYS B 119 6.72 -2.86 -28.78
CA LYS B 119 7.12 -2.60 -30.16
C LYS B 119 5.90 -2.07 -30.90
N ASP B 120 5.93 -0.78 -31.21
CA ASP B 120 4.88 -0.08 -31.99
C ASP B 120 3.55 -0.01 -31.23
N GLY B 121 3.56 -0.22 -29.91
CA GLY B 121 2.38 -0.15 -29.07
C GLY B 121 2.01 -1.46 -28.40
N GLU B 122 2.25 -2.60 -29.04
CA GLU B 122 1.83 -3.88 -28.48
C GLU B 122 2.94 -4.41 -27.58
N ALA B 123 2.54 -5.25 -26.62
CA ALA B 123 3.46 -5.87 -25.66
C ALA B 123 4.26 -7.00 -26.29
N LEU B 124 5.51 -6.73 -26.65
CA LEU B 124 6.33 -7.71 -27.34
C LEU B 124 6.71 -8.87 -26.42
N LYS B 125 7.28 -8.56 -25.26
CA LYS B 125 7.57 -9.58 -24.26
C LYS B 125 7.63 -8.96 -22.87
N TYR B 126 7.25 -9.76 -21.88
CA TYR B 126 7.33 -9.44 -20.46
C TYR B 126 8.09 -10.53 -19.73
N TRP B 127 8.94 -10.12 -18.79
CA TRP B 127 9.62 -11.04 -17.89
C TRP B 127 9.68 -10.37 -16.51
N TYR B 128 9.77 -11.21 -15.47
CA TYR B 128 9.71 -10.72 -14.10
C TYR B 128 10.84 -9.73 -13.78
N GLU B 129 12.08 -10.09 -14.06
CA GLU B 129 13.26 -9.25 -13.87
C GLU B 129 13.70 -8.70 -15.22
N ASN B 130 14.83 -7.99 -15.22
CA ASN B 130 15.30 -7.40 -16.46
C ASN B 130 15.85 -8.52 -17.34
N HIS B 131 15.72 -8.34 -18.65
CA HIS B 131 16.20 -9.32 -19.60
C HIS B 131 16.69 -8.59 -20.83
N ASN B 132 17.52 -9.28 -21.60
CA ASN B 132 17.69 -8.88 -22.98
C ASN B 132 16.53 -9.41 -23.80
N ILE B 133 16.22 -8.69 -24.87
CA ILE B 133 15.59 -9.26 -26.06
C ILE B 133 16.77 -9.52 -26.97
N SER B 134 16.74 -10.64 -27.68
CA SER B 134 17.79 -11.00 -28.63
C SER B 134 17.12 -11.66 -29.80
N ILE B 135 17.17 -10.97 -30.94
CA ILE B 135 16.63 -11.48 -32.20
C ILE B 135 17.80 -11.61 -33.16
N THR B 136 18.09 -12.84 -33.58
CA THR B 136 19.17 -13.04 -34.54
C THR B 136 18.77 -12.77 -35.97
N ASN B 137 17.49 -12.84 -36.35
CA ASN B 137 17.11 -12.59 -37.74
C ASN B 137 16.09 -11.47 -37.92
N ALA B 138 16.43 -10.24 -37.52
CA ALA B 138 15.54 -9.07 -37.58
C ALA B 138 14.82 -8.98 -38.92
N THR B 139 13.51 -9.17 -38.93
CA THR B 139 12.79 -9.11 -40.19
C THR B 139 12.55 -7.66 -40.59
N VAL B 140 12.10 -7.47 -41.84
CA VAL B 140 11.76 -6.12 -42.31
C VAL B 140 10.59 -5.56 -41.50
N GLU B 141 9.71 -6.43 -41.00
CA GLU B 141 8.66 -5.98 -40.09
C GLU B 141 9.17 -5.70 -38.69
N ASP B 142 10.45 -5.91 -38.40
CA ASP B 142 10.93 -5.68 -37.05
C ASP B 142 11.07 -4.18 -36.77
N SER B 143 11.21 -3.38 -37.84
CA SER B 143 11.22 -1.93 -37.78
C SER B 143 10.08 -1.39 -36.91
N GLY B 144 10.42 -0.69 -35.85
CA GLY B 144 9.40 -0.08 -35.03
C GLY B 144 9.99 0.93 -34.08
N THR B 145 9.09 1.69 -33.45
CA THR B 145 9.45 2.56 -32.35
C THR B 145 9.25 1.73 -31.10
N TYR B 146 10.35 1.48 -30.39
CA TYR B 146 10.36 0.61 -29.22
C TYR B 146 10.35 1.47 -27.97
N TYR B 147 9.86 0.90 -26.88
CA TYR B 147 10.05 1.48 -25.55
C TYR B 147 9.68 0.47 -24.50
N CYS B 148 10.22 0.64 -23.30
CA CYS B 148 10.05 -0.31 -22.20
C CYS B 148 9.58 0.34 -20.91
N THR B 149 8.61 -0.33 -20.28
CA THR B 149 8.07 0.08 -18.99
C THR B 149 8.72 -0.83 -17.97
N GLY B 150 9.16 -0.24 -16.85
CA GLY B 150 9.83 -0.97 -15.80
C GLY B 150 9.41 -0.48 -14.44
N LYS B 151 9.94 -1.16 -13.42
CA LYS B 151 9.65 -0.87 -12.02
C LYS B 151 10.98 -0.85 -11.29
N VAL B 152 11.38 0.34 -10.86
CA VAL B 152 12.63 0.61 -10.16
C VAL B 152 12.30 1.15 -8.78
N TRP B 153 12.77 0.46 -7.73
CA TRP B 153 12.49 0.84 -6.35
C TRP B 153 11.00 0.93 -6.05
N GLN B 154 10.26 -0.01 -6.63
CA GLN B 154 8.80 -0.19 -6.49
C GLN B 154 7.99 0.81 -7.32
N LEU B 155 8.64 1.79 -7.99
CA LEU B 155 7.90 2.81 -8.73
C LEU B 155 8.04 2.57 -10.22
N ASP B 156 7.04 3.04 -10.96
CA ASP B 156 6.96 2.78 -12.40
C ASP B 156 7.68 3.85 -13.19
N TYR B 157 8.40 3.43 -14.23
CA TYR B 157 9.16 4.34 -15.09
C TYR B 157 9.06 3.83 -16.52
N GLU B 158 8.72 4.74 -17.43
CA GLU B 158 8.75 4.47 -18.86
C GLU B 158 9.96 5.12 -19.52
N SER B 159 10.61 4.37 -20.40
CA SER B 159 11.79 4.87 -21.11
C SER B 159 11.33 5.78 -22.25
N GLU B 160 12.21 6.67 -22.68
CA GLU B 160 11.88 7.45 -23.87
C GLU B 160 11.85 6.55 -25.11
N PRO B 161 10.89 6.73 -26.03
CA PRO B 161 10.81 5.80 -27.18
C PRO B 161 11.95 6.02 -28.15
N LEU B 162 12.30 4.97 -28.88
CA LEU B 162 13.36 5.07 -29.88
C LEU B 162 12.93 4.28 -31.11
N ASN B 163 12.77 4.95 -32.24
CA ASN B 163 12.45 4.31 -33.51
C ASN B 163 13.70 3.77 -34.22
N ILE B 164 13.57 2.52 -34.69
CA ILE B 164 14.57 1.69 -35.34
C ILE B 164 13.96 1.08 -36.59
N THR B 165 14.77 0.98 -37.64
CA THR B 165 14.29 0.53 -38.95
C THR B 165 15.32 -0.34 -39.64
N VAL B 166 14.88 -1.55 -40.02
CA VAL B 166 15.69 -2.51 -40.75
C VAL B 166 15.54 -2.20 -42.23
N ILE B 167 16.50 -2.66 -43.03
CA ILE B 167 16.54 -2.44 -44.47
C ILE B 167 16.89 -3.75 -45.16
N LYS B 168 16.52 -3.84 -46.45
CA LYS B 168 16.88 -5.00 -47.26
C LYS B 168 18.30 -4.88 -47.78
N ALA B 169 19.10 -5.92 -47.55
CA ALA B 169 20.51 -5.87 -47.86
C ALA B 169 20.72 -5.95 -49.38
N ASP C 1 -2.71 -41.06 33.99
CA ASP C 1 -2.98 -40.79 32.58
C ASP C 1 -1.95 -39.83 31.98
N PHE C 2 -1.82 -39.92 30.66
CA PHE C 2 -0.99 -39.00 29.90
C PHE C 2 -1.47 -37.56 30.06
N THR C 3 -0.52 -36.64 30.24
CA THR C 3 -0.83 -35.21 30.38
C THR C 3 -0.13 -34.47 29.24
N PRO C 4 -0.83 -34.05 28.17
CA PRO C 4 -0.13 -33.37 27.04
C PRO C 4 0.28 -31.95 27.36
N PRO C 5 1.57 -31.61 27.58
CA PRO C 5 1.90 -30.19 27.71
C PRO C 5 1.75 -29.59 26.33
N THR C 6 1.43 -28.29 26.26
CA THR C 6 1.47 -27.62 24.97
C THR C 6 2.83 -26.97 24.75
N VAL C 7 3.17 -26.79 23.47
CA VAL C 7 4.44 -26.24 23.03
C VAL C 7 4.11 -25.03 22.17
N LYS C 8 4.83 -23.93 22.37
CA LYS C 8 4.75 -22.85 21.39
C LYS C 8 6.08 -22.12 21.31
N ILE C 9 6.41 -21.62 20.12
CA ILE C 9 7.66 -20.91 19.87
C ILE C 9 7.29 -19.48 19.53
N LEU C 10 7.91 -18.55 20.25
CA LEU C 10 7.90 -17.11 19.99
C LEU C 10 9.30 -16.70 19.57
N GLN C 11 9.43 -15.56 18.88
CA GLN C 11 10.74 -15.11 18.42
C GLN C 11 10.87 -13.61 18.56
N SER C 12 12.12 -13.15 18.61
CA SER C 12 12.52 -11.75 18.52
C SER C 12 11.88 -11.01 17.36
N SER C 13 11.83 -9.69 17.45
CA SER C 13 11.35 -8.83 16.38
C SER C 13 12.51 -8.27 15.57
N CYS C 14 12.32 -8.21 14.25
CA CYS C 14 13.04 -7.24 13.45
C CYS C 14 12.41 -5.87 13.70
N ASP C 15 13.13 -4.81 13.34
CA ASP C 15 12.70 -3.46 13.67
C ASP C 15 11.70 -2.91 12.65
N GLY C 16 11.42 -1.61 12.77
CA GLY C 16 10.44 -0.92 11.94
C GLY C 16 10.82 -0.78 10.47
N GLY C 17 12.08 -0.98 10.11
CA GLY C 17 12.46 -1.04 8.72
C GLY C 17 12.58 -2.43 8.15
N GLY C 18 12.26 -3.45 8.93
CA GLY C 18 12.41 -4.82 8.50
C GLY C 18 13.81 -5.39 8.56
N HIS C 19 14.73 -4.76 9.30
CA HIS C 19 16.10 -5.22 9.35
C HIS C 19 16.23 -6.13 10.56
N PHE C 20 17.06 -7.14 10.43
CA PHE C 20 17.25 -8.05 11.55
C PHE C 20 18.17 -7.45 12.62
N PRO C 21 18.00 -7.79 13.90
CA PRO C 21 18.93 -7.30 14.93
C PRO C 21 20.18 -8.16 14.95
N PRO C 22 21.20 -7.77 15.73
CA PRO C 22 22.47 -8.54 15.69
C PRO C 22 22.31 -9.98 16.14
N THR C 23 21.39 -10.26 17.07
CA THR C 23 21.06 -11.61 17.48
C THR C 23 19.55 -11.78 17.47
N ILE C 24 19.15 -13.05 17.44
CA ILE C 24 17.77 -13.49 17.40
C ILE C 24 17.50 -14.26 18.69
N GLN C 25 16.47 -13.86 19.44
CA GLN C 25 16.01 -14.64 20.57
C GLN C 25 14.82 -15.49 20.13
N LEU C 26 14.86 -16.78 20.46
CA LEU C 26 13.71 -17.68 20.39
C LEU C 26 13.27 -18.06 21.80
N LEU C 27 11.97 -18.00 22.06
CA LEU C 27 11.41 -18.28 23.38
C LEU C 27 10.40 -19.41 23.25
N CYS C 28 10.74 -20.58 23.78
CA CYS C 28 9.87 -21.76 23.75
C CYS C 28 9.08 -21.74 25.05
N LEU C 29 7.74 -21.78 24.95
CA LEU C 29 6.83 -21.69 26.08
C LEU C 29 6.05 -22.99 26.22
N VAL C 30 6.05 -23.52 27.45
CA VAL C 30 5.29 -24.70 27.85
C VAL C 30 4.32 -24.26 28.95
N SER C 31 3.12 -23.84 28.56
CA SER C 31 2.19 -23.08 29.38
C SER C 31 1.07 -23.99 29.87
N GLY C 32 0.88 -24.03 31.20
CA GLY C 32 -0.26 -24.67 31.82
C GLY C 32 -0.33 -26.19 31.83
N TYR C 33 0.50 -26.83 32.68
CA TYR C 33 0.60 -28.29 32.73
C TYR C 33 0.77 -28.75 34.18
N THR C 34 0.40 -30.02 34.40
CA THR C 34 0.51 -30.65 35.72
C THR C 34 2.00 -30.75 36.07
N PRO C 35 2.42 -30.31 37.27
CA PRO C 35 3.86 -30.27 37.55
C PRO C 35 4.57 -31.61 37.49
N GLY C 36 5.81 -31.58 37.03
CA GLY C 36 6.64 -32.76 36.99
C GLY C 36 7.98 -32.42 36.39
N THR C 37 8.79 -33.46 36.20
CA THR C 37 10.12 -33.29 35.65
C THR C 37 9.99 -32.85 34.20
N ILE C 38 10.85 -31.92 33.79
CA ILE C 38 10.79 -31.37 32.44
C ILE C 38 12.20 -31.04 31.99
N ASN C 39 12.50 -31.40 30.73
CA ASN C 39 13.75 -31.06 30.08
C ASN C 39 13.43 -30.39 28.75
N ILE C 40 14.20 -29.37 28.39
CA ILE C 40 14.03 -28.65 27.13
C ILE C 40 15.37 -28.66 26.41
N THR C 41 15.39 -29.18 25.19
CA THR C 41 16.56 -29.26 24.33
C THR C 41 16.27 -28.57 23.02
N TRP C 42 17.24 -27.80 22.51
CA TRP C 42 17.13 -27.18 21.21
C TRP C 42 17.95 -27.94 20.19
N LEU C 43 17.37 -28.18 19.01
CA LEU C 43 18.07 -28.76 17.87
C LEU C 43 18.18 -27.74 16.76
N GLU C 44 19.32 -27.73 16.07
CA GLU C 44 19.51 -26.97 14.83
C GLU C 44 19.75 -28.03 13.77
N ASP C 45 18.83 -28.13 12.80
CA ASP C 45 18.80 -29.21 11.81
C ASP C 45 19.05 -30.59 12.44
N GLY C 46 18.30 -30.88 13.50
CA GLY C 46 18.28 -32.20 14.11
C GLY C 46 19.43 -32.62 15.01
N GLN C 47 20.42 -31.75 15.29
CA GLN C 47 21.51 -32.09 16.21
C GLN C 47 21.35 -31.32 17.51
N VAL C 48 21.58 -31.98 18.65
CA VAL C 48 21.40 -31.34 19.95
C VAL C 48 22.42 -30.22 20.14
N MET C 49 21.95 -29.03 20.51
CA MET C 49 22.83 -27.88 20.76
C MET C 49 23.36 -27.87 22.18
N ASP C 50 24.55 -27.29 22.33
CA ASP C 50 25.24 -27.19 23.61
C ASP C 50 24.33 -26.60 24.69
N VAL C 51 24.42 -27.16 25.90
CA VAL C 51 23.52 -26.77 26.99
C VAL C 51 23.70 -25.30 27.39
N ASP C 52 24.90 -24.74 27.22
CA ASP C 52 25.15 -23.37 27.67
C ASP C 52 24.59 -22.30 26.74
N LEU C 53 24.02 -22.67 25.59
CA LEU C 53 23.52 -21.72 24.60
C LEU C 53 22.08 -21.29 24.85
N SER C 54 21.42 -21.84 25.87
CA SER C 54 20.03 -21.55 26.16
C SER C 54 19.82 -21.70 27.66
N THR C 55 18.86 -20.94 28.19
CA THR C 55 18.52 -20.95 29.61
C THR C 55 17.02 -21.14 29.80
N ALA C 56 16.67 -22.04 30.73
CA ALA C 56 15.31 -22.42 31.06
C ALA C 56 14.94 -21.98 32.47
N SER C 57 13.67 -21.62 32.65
CA SER C 57 13.13 -21.23 33.94
C SER C 57 11.69 -21.71 34.06
N THR C 58 11.26 -21.89 35.31
CA THR C 58 9.95 -22.46 35.64
C THR C 58 9.27 -21.64 36.74
N THR C 59 7.97 -21.39 36.56
CA THR C 59 7.12 -20.77 37.56
C THR C 59 5.88 -21.65 37.76
N GLN C 60 5.16 -21.39 38.85
CA GLN C 60 3.93 -22.09 39.19
C GLN C 60 2.84 -21.08 39.50
N GLU C 61 1.60 -21.38 39.07
CA GLU C 61 0.43 -20.55 39.36
C GLU C 61 -0.75 -21.48 39.65
N GLY C 62 -1.23 -21.44 40.90
CA GLY C 62 -2.28 -22.36 41.31
C GLY C 62 -1.81 -23.80 41.23
N GLU C 63 -2.57 -24.62 40.51
CA GLU C 63 -2.16 -25.96 40.15
C GLU C 63 -1.28 -25.99 38.91
N LEU C 64 -1.50 -25.06 37.97
CA LEU C 64 -0.86 -25.15 36.67
C LEU C 64 0.54 -24.56 36.72
N ALA C 65 1.49 -25.25 36.10
CA ALA C 65 2.86 -24.78 35.97
C ALA C 65 3.06 -24.10 34.62
N SER C 66 4.12 -23.30 34.54
CA SER C 66 4.58 -22.74 33.27
C SER C 66 6.09 -22.77 33.22
N THR C 67 6.61 -23.12 32.05
CA THR C 67 8.03 -23.26 31.81
C THR C 67 8.36 -22.46 30.57
N GLN C 68 9.55 -21.87 30.54
CA GLN C 68 10.03 -21.16 29.38
C GLN C 68 11.50 -21.45 29.20
N SER C 69 11.97 -21.32 27.95
CA SER C 69 13.36 -21.50 27.61
C SER C 69 13.72 -20.50 26.51
N GLU C 70 14.86 -19.83 26.69
CA GLU C 70 15.34 -18.81 25.77
C GLU C 70 16.64 -19.27 25.12
N LEU C 71 16.66 -19.23 23.79
CA LEU C 71 17.80 -19.58 22.94
C LEU C 71 18.25 -18.35 22.16
N THR C 72 19.56 -18.09 22.16
CA THR C 72 20.13 -16.97 21.41
C THR C 72 20.85 -17.51 20.19
N LEU C 73 20.53 -16.94 19.02
CA LEU C 73 21.14 -17.28 17.74
C LEU C 73 21.80 -16.05 17.14
N SER C 74 22.89 -16.25 16.40
CA SER C 74 23.42 -15.17 15.58
C SER C 74 22.46 -14.90 14.43
N GLN C 75 22.50 -13.66 13.93
CA GLN C 75 21.75 -13.28 12.74
C GLN C 75 22.06 -14.19 11.56
N LYS C 76 23.35 -14.52 11.40
CA LYS C 76 23.80 -15.36 10.28
C LYS C 76 23.12 -16.74 10.32
N HIS C 77 23.06 -17.35 11.50
CA HIS C 77 22.41 -18.65 11.62
C HIS C 77 20.94 -18.56 11.27
N TRP C 78 20.25 -17.53 11.78
CA TRP C 78 18.84 -17.33 11.43
C TRP C 78 18.65 -17.19 9.93
N LEU C 79 19.55 -16.44 9.29
CA LEU C 79 19.43 -16.17 7.86
C LEU C 79 19.87 -17.33 6.98
N SER C 80 20.49 -18.37 7.54
CA SER C 80 20.90 -19.52 6.73
C SER C 80 19.76 -20.47 6.40
N ASP C 81 18.54 -20.26 6.94
CA ASP C 81 17.35 -21.07 6.66
C ASP C 81 17.40 -22.46 7.29
N ARG C 82 18.19 -22.62 8.35
CA ARG C 82 18.18 -23.84 9.14
C ARG C 82 16.88 -23.94 9.93
N THR C 83 16.53 -25.18 10.29
CA THR C 83 15.32 -25.48 11.04
C THR C 83 15.72 -25.64 12.50
N TYR C 84 14.98 -24.95 13.39
CA TYR C 84 15.21 -24.97 14.81
C TYR C 84 14.04 -25.66 15.50
N THR C 85 14.33 -26.67 16.33
CA THR C 85 13.33 -27.48 16.99
C THR C 85 13.43 -27.33 18.51
N CYS C 86 12.31 -27.01 19.15
CA CYS C 86 12.17 -27.04 20.60
C CYS C 86 11.62 -28.40 21.01
N GLN C 87 12.42 -29.16 21.78
CA GLN C 87 12.12 -30.53 22.19
C GLN C 87 11.91 -30.58 23.69
N VAL C 88 10.68 -30.83 24.11
CA VAL C 88 10.28 -30.81 25.52
C VAL C 88 10.05 -32.27 25.90
N THR C 89 10.73 -32.74 26.95
CA THR C 89 10.55 -34.09 27.46
C THR C 89 9.92 -33.97 28.84
N TYR C 90 8.69 -34.45 28.94
CA TYR C 90 7.86 -34.35 30.14
C TYR C 90 7.41 -35.76 30.54
N GLN C 91 7.77 -36.16 31.75
CA GLN C 91 7.47 -37.50 32.29
C GLN C 91 7.91 -38.63 31.35
N GLY C 92 9.03 -38.43 30.67
CA GLY C 92 9.56 -39.42 29.77
C GLY C 92 9.04 -39.39 28.34
N HIS C 93 8.03 -38.56 28.03
CA HIS C 93 7.46 -38.49 26.70
C HIS C 93 7.86 -37.18 26.02
N THR C 94 8.03 -37.24 24.69
CA THR C 94 8.60 -36.13 23.92
C THR C 94 7.51 -35.40 23.16
N PHE C 95 7.56 -34.07 23.24
CA PHE C 95 6.70 -33.13 22.54
C PHE C 95 7.60 -32.16 21.79
N GLU C 96 7.26 -31.85 20.54
CA GLU C 96 8.12 -31.05 19.66
C GLU C 96 7.36 -29.92 18.98
N ASP C 97 8.09 -28.82 18.74
CA ASP C 97 7.67 -27.80 17.77
C ASP C 97 8.90 -27.30 17.04
N SER C 98 8.69 -26.72 15.85
CA SER C 98 9.78 -26.32 14.96
C SER C 98 9.50 -25.00 14.26
N THR C 99 10.57 -24.40 13.75
CA THR C 99 10.54 -23.13 13.05
C THR C 99 11.71 -23.08 12.06
N LYS C 100 11.61 -22.21 11.06
CA LYS C 100 12.71 -21.87 10.17
C LYS C 100 12.44 -20.47 9.64
N LYS C 101 13.42 -19.90 8.90
CA LYS C 101 13.24 -18.54 8.39
C LYS C 101 12.00 -18.51 7.52
N CYS C 102 11.25 -17.43 7.66
CA CYS C 102 9.95 -17.32 7.02
C CYS C 102 10.09 -17.21 5.49
N ALA C 103 8.96 -17.00 4.81
CA ALA C 103 8.93 -16.80 3.35
C ALA C 103 7.92 -15.70 3.01
N ASP C 104 8.36 -14.69 2.27
CA ASP C 104 7.62 -13.42 2.12
C ASP C 104 6.78 -13.32 0.84
N SER C 105 6.00 -14.35 0.53
CA SER C 105 4.75 -14.28 -0.25
C SER C 105 4.86 -13.65 -1.65
N ASN C 106 6.07 -13.40 -2.18
CA ASN C 106 6.24 -12.74 -3.47
C ASN C 106 7.58 -13.15 -4.08
N PRO C 107 7.72 -14.39 -4.58
CA PRO C 107 9.07 -14.88 -4.90
C PRO C 107 9.67 -14.29 -6.16
N ARG C 108 8.90 -14.16 -7.24
CA ARG C 108 9.35 -13.66 -8.53
C ARG C 108 8.54 -12.45 -8.98
N GLY C 109 8.02 -11.67 -8.04
CA GLY C 109 7.27 -10.48 -8.37
C GLY C 109 5.80 -10.73 -8.65
N VAL C 110 5.38 -12.00 -8.66
CA VAL C 110 3.98 -12.33 -8.87
C VAL C 110 3.21 -11.80 -7.67
N SER C 111 1.93 -11.48 -7.86
CA SER C 111 1.04 -11.24 -6.74
C SER C 111 -0.15 -12.17 -6.80
N ALA C 112 -0.67 -12.49 -5.61
CA ALA C 112 -1.88 -13.29 -5.46
C ALA C 112 -2.75 -12.70 -4.37
N TYR C 113 -4.06 -12.71 -4.64
CA TYR C 113 -5.08 -12.12 -3.79
C TYR C 113 -6.19 -13.15 -3.67
N LEU C 114 -6.83 -13.16 -2.50
CA LEU C 114 -7.87 -14.12 -2.18
C LEU C 114 -8.96 -13.39 -1.42
N SER C 115 -10.17 -13.39 -1.96
CA SER C 115 -11.25 -12.58 -1.44
C SER C 115 -12.05 -13.39 -0.44
N ARG C 116 -12.89 -12.70 0.31
CA ARG C 116 -13.91 -13.31 1.14
C ARG C 116 -15.24 -13.35 0.41
N PRO C 117 -16.20 -14.17 0.84
CA PRO C 117 -17.51 -14.16 0.18
C PRO C 117 -18.16 -12.81 0.39
N SER C 118 -18.99 -12.40 -0.55
CA SER C 118 -19.76 -11.21 -0.29
C SER C 118 -20.92 -11.59 0.64
N PRO C 119 -21.31 -10.72 1.59
CA PRO C 119 -22.44 -11.10 2.46
C PRO C 119 -23.74 -11.30 1.71
N PHE C 120 -23.95 -10.55 0.63
CA PHE C 120 -25.14 -10.72 -0.20
C PHE C 120 -25.17 -12.10 -0.83
N ASP C 121 -24.04 -12.54 -1.39
CA ASP C 121 -23.96 -13.88 -1.96
C ASP C 121 -24.19 -14.95 -0.92
N LEU C 122 -23.69 -14.72 0.30
CA LEU C 122 -23.70 -15.71 1.36
C LEU C 122 -25.08 -15.90 1.99
N PHE C 123 -25.76 -14.81 2.34
CA PHE C 123 -26.98 -14.89 3.14
C PHE C 123 -28.28 -14.74 2.36
N ILE C 124 -28.25 -14.11 1.18
CA ILE C 124 -29.45 -13.85 0.39
C ILE C 124 -29.54 -14.89 -0.71
N ARG C 125 -28.49 -15.00 -1.53
CA ARG C 125 -28.50 -16.01 -2.58
C ARG C 125 -28.24 -17.40 -2.03
N LYS C 126 -27.57 -17.50 -0.87
CA LYS C 126 -27.15 -18.77 -0.28
C LYS C 126 -26.30 -19.58 -1.26
N SER C 127 -25.45 -18.89 -2.01
CA SER C 127 -24.44 -19.51 -2.86
C SER C 127 -23.15 -18.73 -2.70
N PRO C 128 -22.49 -18.85 -1.56
CA PRO C 128 -21.27 -18.08 -1.36
C PRO C 128 -20.15 -18.68 -2.19
N THR C 129 -19.27 -17.80 -2.64
CA THR C 129 -18.11 -18.19 -3.41
C THR C 129 -16.93 -17.42 -2.86
N ILE C 130 -15.73 -17.96 -3.10
CA ILE C 130 -14.50 -17.25 -2.83
C ILE C 130 -13.73 -17.26 -4.12
N THR C 131 -12.85 -16.28 -4.32
CA THR C 131 -12.16 -16.09 -5.59
C THR C 131 -10.68 -15.88 -5.32
N CYS C 132 -9.85 -16.62 -6.05
CA CYS C 132 -8.40 -16.52 -5.97
C CYS C 132 -7.91 -15.97 -7.30
N LEU C 133 -7.19 -14.85 -7.24
CA LEU C 133 -6.71 -14.18 -8.43
C LEU C 133 -5.20 -14.03 -8.29
N VAL C 134 -4.47 -14.47 -9.31
CA VAL C 134 -3.01 -14.42 -9.31
C VAL C 134 -2.64 -13.64 -10.57
N VAL C 135 -1.89 -12.56 -10.37
CA VAL C 135 -1.54 -11.60 -11.41
C VAL C 135 -0.03 -11.50 -11.56
N ASP C 136 0.34 -11.00 -12.74
CA ASP C 136 1.72 -10.68 -13.11
C ASP C 136 2.57 -11.93 -13.29
N LEU C 137 1.95 -13.03 -13.73
CA LEU C 137 2.64 -14.24 -14.14
C LEU C 137 3.20 -14.04 -15.55
N ALA C 138 4.20 -14.85 -15.90
CA ALA C 138 4.72 -14.79 -17.25
C ALA C 138 3.81 -15.58 -18.20
N PRO C 139 3.65 -15.13 -19.49
CA PRO C 139 2.79 -15.90 -20.42
C PRO C 139 3.45 -17.15 -21.01
N SER C 140 4.40 -17.78 -20.34
CA SER C 140 5.09 -18.91 -20.94
C SER C 140 4.20 -20.14 -21.00
N LYS C 141 4.73 -21.20 -21.61
CA LYS C 141 4.03 -22.46 -21.70
C LYS C 141 4.06 -23.17 -20.36
N GLY C 142 3.36 -24.30 -20.28
CA GLY C 142 3.24 -25.04 -19.05
C GLY C 142 2.18 -24.44 -18.14
N THR C 143 1.04 -25.12 -18.07
CA THR C 143 -0.11 -24.62 -17.34
C THR C 143 0.19 -24.50 -15.85
N VAL C 144 -0.35 -23.44 -15.24
CA VAL C 144 -0.21 -23.27 -13.80
C VAL C 144 -1.03 -24.33 -13.09
N ASN C 145 -0.45 -24.93 -12.07
CA ASN C 145 -1.16 -25.89 -11.22
C ASN C 145 -1.85 -25.10 -10.11
N LEU C 146 -3.18 -25.04 -10.17
CA LEU C 146 -4.01 -24.43 -9.13
C LEU C 146 -4.74 -25.48 -8.32
N THR C 147 -4.57 -25.41 -7.00
CA THR C 147 -5.16 -26.38 -6.08
C THR C 147 -5.80 -25.65 -4.91
N TRP C 148 -6.95 -26.16 -4.49
CA TRP C 148 -7.70 -25.61 -3.37
C TRP C 148 -7.59 -26.59 -2.21
N SER C 149 -7.67 -26.08 -0.99
CA SER C 149 -7.68 -27.00 0.14
C SER C 149 -8.20 -26.30 1.38
N ARG C 150 -8.64 -27.13 2.33
CA ARG C 150 -9.04 -26.71 3.66
C ARG C 150 -7.99 -27.20 4.64
N ALA C 151 -7.75 -26.42 5.70
CA ALA C 151 -6.76 -26.84 6.70
C ALA C 151 -7.18 -28.14 7.39
N SER C 152 -8.47 -28.40 7.47
CA SER C 152 -9.01 -29.62 8.07
C SER C 152 -8.96 -30.85 7.16
N GLY C 153 -8.64 -30.69 5.88
CA GLY C 153 -8.62 -31.85 4.99
C GLY C 153 -9.97 -32.30 4.48
N LYS C 154 -11.06 -31.65 4.85
CA LYS C 154 -12.36 -32.01 4.31
C LYS C 154 -12.41 -31.66 2.82
N PRO C 155 -13.33 -32.26 2.06
CA PRO C 155 -13.27 -32.09 0.60
C PRO C 155 -13.70 -30.70 0.17
N VAL C 156 -13.19 -30.29 -0.99
CA VAL C 156 -13.59 -29.04 -1.64
C VAL C 156 -14.20 -29.42 -2.99
N ASN C 157 -15.02 -28.51 -3.52
CA ASN C 157 -15.61 -28.73 -4.82
C ASN C 157 -14.63 -28.36 -5.94
N HIS C 158 -15.03 -28.63 -7.18
CA HIS C 158 -14.35 -28.10 -8.34
C HIS C 158 -14.60 -26.59 -8.43
N SER C 159 -13.68 -25.87 -9.09
CA SER C 159 -13.79 -24.43 -9.28
C SER C 159 -13.82 -24.11 -10.77
N THR C 160 -14.14 -22.85 -11.08
CA THR C 160 -14.04 -22.29 -12.43
C THR C 160 -12.65 -21.72 -12.73
N ARG C 161 -11.73 -22.60 -13.12
CA ARG C 161 -10.40 -22.12 -13.48
C ARG C 161 -10.45 -21.40 -14.84
N LYS C 162 -9.89 -20.20 -14.87
CA LYS C 162 -9.86 -19.36 -16.08
C LYS C 162 -8.55 -18.61 -16.12
N GLU C 163 -7.92 -18.55 -17.31
CA GLU C 163 -6.72 -17.78 -17.55
C GLU C 163 -7.00 -16.77 -18.66
N GLU C 164 -6.34 -15.60 -18.59
CA GLU C 164 -6.32 -14.73 -19.76
C GLU C 164 -5.12 -13.78 -19.77
N LYS C 165 -4.50 -13.67 -20.95
CA LYS C 165 -3.43 -12.72 -21.21
C LYS C 165 -3.98 -11.30 -21.28
N GLN C 166 -3.25 -10.36 -20.71
CA GLN C 166 -3.67 -8.96 -20.65
C GLN C 166 -3.04 -8.13 -21.78
N ARG C 167 -3.59 -6.92 -21.97
CA ARG C 167 -3.14 -5.99 -23.02
C ARG C 167 -1.70 -5.51 -22.77
N ASN C 168 -1.26 -5.58 -21.52
CA ASN C 168 0.07 -5.19 -21.05
C ASN C 168 1.12 -6.30 -21.02
N GLY C 169 0.82 -7.43 -21.66
CA GLY C 169 1.75 -8.53 -21.81
C GLY C 169 1.84 -9.51 -20.66
N THR C 170 1.03 -9.35 -19.62
CA THR C 170 1.01 -10.24 -18.48
C THR C 170 -0.12 -11.25 -18.64
N LEU C 171 -0.15 -12.24 -17.74
CA LEU C 171 -1.18 -13.26 -17.71
C LEU C 171 -1.75 -13.29 -16.32
N THR C 172 -3.08 -13.22 -16.21
CA THR C 172 -3.78 -13.36 -14.93
C THR C 172 -4.59 -14.64 -14.96
N VAL C 173 -4.59 -15.36 -13.83
CA VAL C 173 -5.38 -16.56 -13.66
C VAL C 173 -6.34 -16.28 -12.51
N THR C 174 -7.61 -16.59 -12.72
CA THR C 174 -8.66 -16.39 -11.74
C THR C 174 -9.43 -17.69 -11.61
N SER C 175 -9.77 -18.02 -10.36
CA SER C 175 -10.59 -19.18 -10.08
C SER C 175 -11.59 -18.78 -9.01
N THR C 176 -12.81 -19.29 -9.13
CA THR C 176 -13.88 -19.03 -8.18
C THR C 176 -14.37 -20.38 -7.71
N LEU C 177 -14.36 -20.59 -6.40
CA LEU C 177 -14.73 -21.84 -5.77
C LEU C 177 -16.03 -21.64 -5.01
N PRO C 178 -17.09 -22.45 -5.21
CA PRO C 178 -18.24 -22.35 -4.30
C PRO C 178 -17.91 -23.08 -3.01
N VAL C 179 -18.35 -22.49 -1.89
CA VAL C 179 -18.09 -23.01 -0.56
C VAL C 179 -19.41 -23.16 0.17
N GLY C 180 -19.41 -24.03 1.16
CA GLY C 180 -20.59 -24.22 1.97
C GLY C 180 -20.84 -23.03 2.88
N THR C 181 -22.12 -22.65 3.00
CA THR C 181 -22.50 -21.53 3.84
C THR C 181 -22.14 -21.83 5.29
N ARG C 182 -22.54 -23.00 5.78
CA ARG C 182 -22.25 -23.37 7.16
C ARG C 182 -20.75 -23.54 7.36
N ASP C 183 -20.05 -24.15 6.39
CA ASP C 183 -18.60 -24.28 6.46
C ASP C 183 -17.95 -22.93 6.71
N TRP C 184 -18.36 -21.91 5.96
CA TRP C 184 -17.76 -20.59 6.17
C TRP C 184 -18.15 -20.02 7.53
N ILE C 185 -19.45 -20.10 7.88
CA ILE C 185 -19.94 -19.44 9.10
C ILE C 185 -19.30 -20.04 10.35
N GLU C 186 -18.93 -21.32 10.31
CA GLU C 186 -18.30 -21.94 11.47
C GLU C 186 -16.79 -21.77 11.49
N GLY C 187 -16.22 -21.01 10.56
CA GLY C 187 -14.85 -20.57 10.66
C GLY C 187 -13.83 -21.40 9.92
N GLU C 188 -14.23 -22.12 8.87
CA GLU C 188 -13.24 -22.83 8.07
C GLU C 188 -12.28 -21.85 7.40
N THR C 189 -11.06 -22.32 7.18
CA THR C 189 -10.03 -21.60 6.46
C THR C 189 -9.80 -22.27 5.11
N TYR C 190 -9.77 -21.47 4.05
CA TYR C 190 -9.61 -21.95 2.69
C TYR C 190 -8.30 -21.44 2.12
N GLN C 191 -7.63 -22.28 1.35
CA GLN C 191 -6.26 -22.05 0.90
C GLN C 191 -6.22 -22.23 -0.61
N CYS C 192 -5.62 -21.27 -1.29
CA CYS C 192 -5.38 -21.29 -2.73
C CYS C 192 -3.88 -21.46 -2.95
N ARG C 193 -3.51 -22.44 -3.75
CA ARG C 193 -2.12 -22.85 -3.95
C ARG C 193 -1.80 -22.87 -5.43
N VAL C 194 -0.74 -22.14 -5.83
CA VAL C 194 -0.35 -21.96 -7.23
C VAL C 194 1.08 -22.44 -7.36
N THR C 195 1.34 -23.27 -8.36
CA THR C 195 2.67 -23.74 -8.71
C THR C 195 2.88 -23.49 -10.19
N HIS C 196 3.97 -22.81 -10.53
CA HIS C 196 4.41 -22.61 -11.90
C HIS C 196 5.80 -23.21 -12.10
N PRO C 197 6.14 -23.72 -13.30
CA PRO C 197 7.47 -24.34 -13.46
C PRO C 197 8.63 -23.39 -13.25
N HIS C 198 8.45 -22.10 -13.56
CA HIS C 198 9.50 -21.10 -13.43
C HIS C 198 9.61 -20.52 -12.03
N LEU C 199 8.60 -20.70 -11.18
CA LEU C 199 8.66 -20.21 -9.81
C LEU C 199 9.53 -21.15 -8.98
N PRO C 200 10.34 -20.63 -8.03
CA PRO C 200 11.27 -21.53 -7.33
C PRO C 200 10.55 -22.40 -6.32
N ARG C 201 9.42 -21.91 -5.77
CA ARG C 201 8.64 -22.68 -4.82
C ARG C 201 7.18 -22.32 -5.01
N ALA C 202 6.32 -23.15 -4.43
CA ALA C 202 4.89 -22.92 -4.52
C ALA C 202 4.50 -21.66 -3.75
N LEU C 203 3.50 -20.96 -4.26
CA LEU C 203 2.96 -19.76 -3.63
C LEU C 203 1.53 -20.05 -3.17
N MET C 204 1.25 -19.69 -1.92
CA MET C 204 0.00 -19.96 -1.27
C MET C 204 -0.59 -18.70 -0.66
N ARG C 205 -1.92 -18.63 -0.69
CA ARG C 205 -2.69 -17.61 0.00
C ARG C 205 -3.77 -18.32 0.80
N SER C 206 -4.12 -17.75 1.96
CA SER C 206 -5.09 -18.33 2.86
C SER C 206 -6.07 -17.26 3.33
N THR C 207 -7.32 -17.66 3.54
CA THR C 207 -8.37 -16.76 3.99
C THR C 207 -9.25 -17.52 4.97
N THR C 208 -9.82 -16.77 5.91
CA THR C 208 -10.69 -17.36 6.92
C THR C 208 -11.59 -16.28 7.50
N LYS C 209 -12.60 -16.71 8.23
CA LYS C 209 -13.55 -15.80 8.84
C LYS C 209 -12.85 -14.96 9.91
N THR C 210 -13.43 -13.80 10.20
CA THR C 210 -12.87 -12.84 11.15
C THR C 210 -12.84 -13.38 12.57
N SER C 211 -11.85 -12.90 13.34
CA SER C 211 -11.69 -13.28 14.75
C SER C 211 -12.09 -12.18 15.72
N GLY C 212 -12.67 -11.07 15.25
CA GLY C 212 -13.02 -9.96 16.11
C GLY C 212 -14.43 -10.11 16.65
N PRO C 213 -14.84 -9.22 17.54
CA PRO C 213 -16.19 -9.31 18.11
C PRO C 213 -17.25 -8.95 17.08
N ARG C 214 -18.49 -9.31 17.40
CA ARG C 214 -19.60 -9.22 16.45
C ARG C 214 -20.52 -8.07 16.84
N ALA C 215 -20.99 -7.32 15.84
CA ALA C 215 -21.92 -6.22 16.11
C ALA C 215 -22.84 -6.05 14.91
N ALA C 216 -24.14 -5.99 15.16
CA ALA C 216 -25.08 -5.89 14.05
C ALA C 216 -25.11 -4.45 13.54
N PRO C 217 -25.41 -4.21 12.26
CA PRO C 217 -25.40 -2.82 11.79
C PRO C 217 -26.65 -2.07 12.22
N GLU C 218 -26.48 -0.78 12.47
CA GLU C 218 -27.58 0.17 12.56
C GLU C 218 -27.81 0.71 11.16
N VAL C 219 -29.08 0.87 10.78
CA VAL C 219 -29.48 1.33 9.45
C VAL C 219 -30.40 2.54 9.58
N TYR C 220 -30.02 3.64 8.92
CA TYR C 220 -30.79 4.88 8.90
C TYR C 220 -30.95 5.32 7.45
N ALA C 221 -32.13 5.79 7.08
CA ALA C 221 -32.40 6.20 5.71
C ALA C 221 -33.12 7.54 5.68
N PHE C 222 -32.65 8.43 4.80
CA PHE C 222 -33.13 9.80 4.70
C PHE C 222 -33.39 10.15 3.24
N ALA C 223 -34.39 11.00 3.03
CA ALA C 223 -34.69 11.59 1.73
C ALA C 223 -34.32 13.07 1.75
N THR C 224 -33.61 13.51 0.71
CA THR C 224 -33.31 14.92 0.58
C THR C 224 -34.60 15.71 0.33
N PRO C 225 -34.73 16.93 0.85
CA PRO C 225 -35.83 17.78 0.39
C PRO C 225 -35.63 18.25 -1.04
N GLU C 226 -36.72 18.72 -1.64
CA GLU C 226 -36.71 19.22 -3.01
C GLU C 226 -35.79 20.42 -3.10
N TRP C 227 -34.88 20.42 -4.13
CA TRP C 227 -34.03 21.56 -4.40
C TRP C 227 -34.59 22.39 -5.57
N PRO C 228 -34.64 23.74 -5.46
CA PRO C 228 -35.24 24.55 -6.55
C PRO C 228 -34.60 24.32 -7.91
N GLY C 229 -35.43 24.02 -8.91
CA GLY C 229 -34.95 23.73 -10.25
C GLY C 229 -34.71 22.28 -10.60
N SER C 230 -34.96 21.34 -9.68
CA SER C 230 -34.75 19.91 -9.91
C SER C 230 -36.00 19.16 -9.52
N ARG C 231 -37.11 19.49 -10.20
CA ARG C 231 -38.41 18.94 -9.83
C ARG C 231 -38.47 17.43 -10.03
N ASP C 232 -37.70 16.89 -10.96
CA ASP C 232 -37.86 15.52 -11.42
C ASP C 232 -36.72 14.61 -10.94
N LYS C 233 -35.92 15.05 -9.96
CA LYS C 233 -34.87 14.22 -9.41
C LYS C 233 -34.83 14.43 -7.90
N ARG C 234 -34.46 13.37 -7.18
CA ARG C 234 -34.15 13.43 -5.75
C ARG C 234 -32.98 12.52 -5.48
N THR C 235 -32.34 12.73 -4.33
CA THR C 235 -31.27 11.86 -3.86
C THR C 235 -31.70 11.26 -2.53
N LEU C 236 -31.53 9.94 -2.40
CA LEU C 236 -31.75 9.19 -1.17
C LEU C 236 -30.40 8.85 -0.57
N ALA C 237 -30.28 8.98 0.77
CA ALA C 237 -29.04 8.68 1.48
C ALA C 237 -29.33 7.65 2.58
N CYS C 238 -28.46 6.65 2.67
CA CYS C 238 -28.56 5.58 3.66
C CYS C 238 -27.25 5.53 4.42
N LEU C 239 -27.34 5.57 5.75
CA LEU C 239 -26.20 5.45 6.66
C LEU C 239 -26.24 4.12 7.40
N ILE C 240 -25.16 3.35 7.27
CA ILE C 240 -25.03 2.04 7.89
C ILE C 240 -23.82 2.10 8.79
N GLN C 241 -24.00 1.81 10.10
CA GLN C 241 -22.93 2.13 11.05
C GLN C 241 -22.90 1.21 12.27
N ASN C 242 -21.73 1.19 12.90
CA ASN C 242 -21.45 0.53 14.19
C ASN C 242 -21.48 -1.00 14.08
N PHE C 243 -21.21 -1.50 12.88
CA PHE C 243 -21.16 -2.95 12.65
C PHE C 243 -19.73 -3.45 12.80
N MET C 244 -19.61 -4.74 13.14
CA MET C 244 -18.34 -5.43 13.26
C MET C 244 -18.63 -6.88 12.84
N PRO C 245 -17.79 -7.52 12.01
CA PRO C 245 -16.57 -7.07 11.32
C PRO C 245 -16.88 -6.15 10.15
N GLU C 246 -15.90 -5.80 9.31
CA GLU C 246 -16.11 -4.78 8.31
C GLU C 246 -16.84 -5.26 7.06
N ASP C 247 -17.01 -6.57 6.87
CA ASP C 247 -17.57 -7.05 5.62
C ASP C 247 -19.08 -6.81 5.59
N ILE C 248 -19.55 -6.15 4.54
CA ILE C 248 -20.96 -5.76 4.45
C ILE C 248 -21.34 -5.61 2.99
N SER C 249 -22.60 -5.92 2.68
CA SER C 249 -23.18 -5.65 1.37
C SER C 249 -24.38 -4.72 1.55
N VAL C 250 -24.55 -3.80 0.60
CA VAL C 250 -25.64 -2.85 0.62
C VAL C 250 -26.38 -3.03 -0.69
N GLN C 251 -27.70 -3.12 -0.61
CA GLN C 251 -28.58 -3.19 -1.77
C GLN C 251 -29.68 -2.15 -1.59
N TRP C 252 -30.23 -1.73 -2.74
CA TRP C 252 -31.41 -0.89 -2.79
C TRP C 252 -32.50 -1.67 -3.52
N LEU C 253 -33.72 -1.56 -3.02
CA LEU C 253 -34.89 -2.18 -3.61
C LEU C 253 -35.98 -1.16 -3.86
N HIS C 254 -36.70 -1.34 -4.96
CA HIS C 254 -37.87 -0.55 -5.31
C HIS C 254 -38.92 -1.47 -5.90
N ASN C 255 -40.14 -1.40 -5.39
CA ASN C 255 -41.26 -2.25 -5.87
C ASN C 255 -40.90 -3.73 -5.66
N GLU C 256 -40.32 -4.03 -4.50
CA GLU C 256 -39.91 -5.36 -4.05
C GLU C 256 -38.79 -5.98 -4.88
N VAL C 257 -38.21 -5.27 -5.87
CA VAL C 257 -37.16 -5.80 -6.74
C VAL C 257 -35.90 -4.99 -6.51
N GLN C 258 -34.76 -5.67 -6.51
CA GLN C 258 -33.48 -5.02 -6.26
C GLN C 258 -33.01 -4.25 -7.49
N LEU C 259 -32.64 -3.00 -7.26
CA LEU C 259 -32.21 -2.13 -8.33
C LEU C 259 -30.79 -2.51 -8.77
N PRO C 260 -30.41 -2.26 -10.04
CA PRO C 260 -29.03 -2.55 -10.46
C PRO C 260 -27.99 -1.82 -9.61
N ASP C 261 -26.85 -2.49 -9.42
CA ASP C 261 -25.78 -1.92 -8.60
C ASP C 261 -25.25 -0.61 -9.17
N ALA C 262 -25.29 -0.45 -10.50
CA ALA C 262 -24.79 0.79 -11.11
C ALA C 262 -25.62 2.02 -10.73
N ARG C 263 -26.83 1.84 -10.17
CA ARG C 263 -27.71 2.96 -9.89
C ARG C 263 -27.27 3.76 -8.67
N HIS C 264 -26.45 3.19 -7.77
CA HIS C 264 -26.12 3.82 -6.49
C HIS C 264 -24.63 3.71 -6.25
N SER C 265 -24.14 4.63 -5.42
CA SER C 265 -22.74 4.72 -5.05
C SER C 265 -22.62 4.53 -3.56
N THR C 266 -21.78 3.57 -3.15
CA THR C 266 -21.54 3.25 -1.75
C THR C 266 -20.06 3.33 -1.45
N THR C 267 -19.72 3.93 -0.32
CA THR C 267 -18.33 4.08 0.08
C THR C 267 -17.78 2.78 0.64
N GLN C 268 -16.45 2.73 0.80
CA GLN C 268 -15.80 1.58 1.38
C GLN C 268 -15.86 1.67 2.91
N PRO C 269 -15.92 0.53 3.63
CA PRO C 269 -16.01 0.64 5.10
C PRO C 269 -14.78 1.31 5.71
N ARG C 270 -15.05 2.26 6.61
CA ARG C 270 -14.01 2.98 7.33
C ARG C 270 -14.41 2.98 8.81
N LYS C 271 -13.40 3.03 9.68
CA LYS C 271 -13.66 2.98 11.12
C LYS C 271 -14.34 4.22 11.64
N THR C 272 -15.30 4.03 12.56
CA THR C 272 -15.79 5.13 13.35
C THR C 272 -14.74 5.56 14.38
N LYS C 273 -15.13 6.48 15.27
CA LYS C 273 -14.25 6.89 16.36
C LYS C 273 -14.16 5.85 17.47
N GLY C 274 -15.22 5.05 17.67
CA GLY C 274 -15.22 4.00 18.68
C GLY C 274 -15.32 2.61 18.10
N SER C 275 -16.39 1.88 18.40
CA SER C 275 -16.54 0.52 17.90
C SER C 275 -17.22 0.54 16.55
N GLY C 276 -16.68 -0.24 15.61
CA GLY C 276 -17.37 -0.52 14.37
C GLY C 276 -16.95 0.40 13.24
N PHE C 277 -17.61 0.19 12.11
CA PHE C 277 -17.29 0.79 10.83
C PHE C 277 -18.55 1.49 10.36
N PHE C 278 -18.42 2.39 9.39
CA PHE C 278 -19.61 2.95 8.75
C PHE C 278 -19.41 3.06 7.25
N VAL C 279 -20.55 3.07 6.54
CA VAL C 279 -20.62 3.44 5.13
C VAL C 279 -21.86 4.29 4.88
N PHE C 280 -21.77 5.07 3.81
CA PHE C 280 -22.88 5.83 3.24
C PHE C 280 -23.20 5.24 1.87
N SER C 281 -24.49 5.23 1.53
CA SER C 281 -24.95 4.88 0.19
C SER C 281 -25.84 6.00 -0.35
N ARG C 282 -25.71 6.25 -1.65
CA ARG C 282 -26.37 7.36 -2.33
C ARG C 282 -27.09 6.80 -3.55
N LEU C 283 -28.39 7.13 -3.69
CA LEU C 283 -29.17 6.70 -4.85
C LEU C 283 -30.04 7.85 -5.36
N GLU C 284 -29.76 8.30 -6.59
CA GLU C 284 -30.58 9.30 -7.26
C GLU C 284 -31.78 8.61 -7.90
N VAL C 285 -32.97 9.18 -7.72
CA VAL C 285 -34.22 8.63 -8.25
C VAL C 285 -34.92 9.71 -9.05
N THR C 286 -35.82 9.26 -9.93
CA THR C 286 -36.58 10.07 -10.87
C THR C 286 -38.06 10.11 -10.50
N ARG C 287 -38.76 11.13 -11.04
CA ARG C 287 -40.19 11.30 -10.78
C ARG C 287 -41.00 10.10 -11.23
N ALA C 288 -40.67 9.51 -12.38
CA ALA C 288 -41.37 8.31 -12.84
C ALA C 288 -41.29 7.19 -11.81
N GLU C 289 -40.14 7.07 -11.15
CA GLU C 289 -39.95 5.98 -10.21
C GLU C 289 -40.78 6.17 -8.95
N TRP C 290 -40.71 7.35 -8.32
CA TRP C 290 -41.45 7.50 -7.08
C TRP C 290 -42.94 7.65 -7.35
N GLU C 291 -43.35 8.13 -8.54
CA GLU C 291 -44.78 8.10 -8.85
C GLU C 291 -45.24 6.67 -9.09
N GLN C 292 -44.34 5.78 -9.53
CA GLN C 292 -44.71 4.38 -9.67
C GLN C 292 -44.89 3.76 -8.29
N LYS C 293 -43.91 3.97 -7.42
CA LYS C 293 -44.02 3.63 -6.00
C LYS C 293 -43.02 4.48 -5.24
N ASP C 294 -43.49 5.25 -4.27
CA ASP C 294 -42.62 6.23 -3.59
C ASP C 294 -41.98 5.66 -2.33
N GLU C 295 -41.86 4.33 -2.26
CA GLU C 295 -41.19 3.62 -1.18
C GLU C 295 -39.95 2.95 -1.73
N PHE C 296 -38.80 3.23 -1.11
CA PHE C 296 -37.52 2.63 -1.49
C PHE C 296 -36.87 2.07 -0.25
N ILE C 297 -36.29 0.88 -0.38
CA ILE C 297 -35.77 0.12 0.75
C ILE C 297 -34.25 0.08 0.64
N CYS C 298 -33.58 0.53 1.69
CA CYS C 298 -32.13 0.36 1.87
C CYS C 298 -31.93 -0.86 2.75
N ARG C 299 -31.29 -1.90 2.21
CA ARG C 299 -31.11 -3.17 2.90
C ARG C 299 -29.62 -3.46 3.02
N ALA C 300 -29.19 -3.80 4.23
CA ALA C 300 -27.82 -4.16 4.52
C ALA C 300 -27.80 -5.65 4.84
N VAL C 301 -26.82 -6.35 4.27
CA VAL C 301 -26.55 -7.74 4.57
C VAL C 301 -25.22 -7.78 5.31
N HIS C 302 -25.23 -8.38 6.49
CA HIS C 302 -24.08 -8.35 7.39
C HIS C 302 -24.16 -9.60 8.28
N GLU C 303 -22.99 -10.20 8.53
CA GLU C 303 -22.92 -11.49 9.22
C GLU C 303 -23.48 -11.46 10.65
N ALA C 304 -23.50 -10.28 11.28
CA ALA C 304 -23.91 -10.10 12.67
C ALA C 304 -25.39 -9.78 12.82
N ALA C 305 -26.13 -9.60 11.73
CA ALA C 305 -27.53 -9.22 11.77
C ALA C 305 -28.40 -10.46 12.04
N SER C 306 -29.44 -10.26 12.84
CA SER C 306 -30.32 -11.30 13.33
C SER C 306 -31.76 -10.95 12.95
N PRO C 307 -32.61 -11.96 12.61
CA PRO C 307 -32.39 -13.42 12.66
C PRO C 307 -31.85 -14.02 11.37
N SER C 308 -31.74 -13.28 10.24
CA SER C 308 -31.34 -13.88 8.98
C SER C 308 -30.22 -13.09 8.30
N GLN C 309 -29.36 -12.42 9.06
CA GLN C 309 -28.18 -11.72 8.54
C GLN C 309 -28.59 -10.63 7.55
N THR C 310 -29.66 -9.91 7.88
CA THR C 310 -30.22 -8.92 6.97
C THR C 310 -31.04 -7.94 7.79
N VAL C 311 -30.79 -6.64 7.61
CA VAL C 311 -31.58 -5.60 8.25
C VAL C 311 -31.76 -4.46 7.25
N GLN C 312 -32.97 -3.92 7.20
CA GLN C 312 -33.36 -2.98 6.17
C GLN C 312 -34.19 -1.85 6.78
N ARG C 313 -34.32 -0.78 6.02
CA ARG C 313 -35.12 0.38 6.40
C ARG C 313 -35.70 0.98 5.13
N ALA C 314 -37.00 1.24 5.14
CA ALA C 314 -37.67 1.87 4.01
C ALA C 314 -37.66 3.38 4.21
N VAL C 315 -37.83 4.12 3.11
CA VAL C 315 -37.96 5.57 3.15
C VAL C 315 -38.89 6.02 2.04
N SER C 316 -39.59 7.13 2.30
CA SER C 316 -40.51 7.78 1.38
C SER C 316 -40.03 9.20 1.11
N SER C 317 -39.89 9.54 -0.17
CA SER C 317 -39.39 10.87 -0.52
C SER C 317 -40.39 11.96 -0.16
N VAL C 318 -41.68 11.71 -0.39
CA VAL C 318 -42.68 12.73 -0.12
C VAL C 318 -42.83 13.00 1.37
N ALA C 319 -42.58 11.99 2.22
CA ALA C 319 -42.76 12.11 3.66
C ALA C 319 -41.66 11.37 4.41
C1 NAG D . 6.35 5.06 5.84
C2 NAG D . 5.51 4.65 4.64
C3 NAG D . 5.16 5.88 3.81
C4 NAG D . 4.48 6.93 4.68
C5 NAG D . 5.32 7.21 5.93
C6 NAG D . 4.62 8.11 6.92
C7 NAG D . 5.66 2.53 3.42
C8 NAG D . 6.53 1.64 2.59
N2 NAG D . 6.22 3.68 3.83
O3 NAG D . 4.28 5.49 2.75
O4 NAG D . 4.34 8.13 3.96
O5 NAG D . 5.61 5.99 6.63
O6 NAG D . 3.92 7.36 7.89
O7 NAG D . 4.50 2.24 3.71
C1 NAG D . 3.03 8.20 3.38
C2 NAG D . 2.39 9.51 3.84
C3 NAG D . 1.02 9.69 3.19
C4 NAG D . 1.13 9.56 1.68
C5 NAG D . 1.79 8.23 1.33
C6 NAG D . 2.02 8.06 -0.15
C7 NAG D . 2.28 10.71 5.98
C8 NAG D . 2.17 10.57 7.46
N2 NAG D . 2.29 9.56 5.29
O3 NAG D . 0.50 10.97 3.53
O4 NAG D . -0.17 9.61 1.09
O5 NAG D . 3.08 8.15 1.95
O6 NAG D . 3.22 7.37 -0.42
O7 NAG D . 2.35 11.80 5.42
C1 BMA D . -0.28 10.86 0.40
C2 BMA D . -1.33 10.69 -0.70
C3 BMA D . -1.63 12.02 -1.36
C4 BMA D . -1.95 13.08 -0.29
C5 BMA D . -0.79 13.17 0.69
C6 BMA D . -1.03 14.19 1.77
O2 BMA D . -2.56 10.23 -0.16
O3 BMA D . -2.70 11.92 -2.29
O4 BMA D . -2.16 14.33 -0.90
O5 BMA D . -0.64 11.90 1.30
O6 BMA D . -2.32 14.77 1.57
C1 MAN D . -2.15 11.57 -3.57
C2 MAN D . -2.82 12.46 -4.65
C3 MAN D . -4.27 12.02 -4.87
C4 MAN D . -4.33 10.53 -5.17
C5 MAN D . -3.71 9.76 -4.00
C6 MAN D . -3.70 8.27 -4.21
O2 MAN D . -2.18 12.34 -5.92
O3 MAN D . -4.87 12.75 -5.94
O4 MAN D . -5.67 10.12 -5.33
O5 MAN D . -2.34 10.18 -3.83
O6 MAN D . -3.30 7.65 -2.99
C1 MAN D . -2.88 15.06 2.87
C2 MAN D . -4.04 14.06 3.11
C3 MAN D . -5.21 14.39 2.19
C4 MAN D . -5.59 15.87 2.31
C5 MAN D . -4.37 16.75 2.01
C6 MAN D . -4.66 18.23 2.18
O2 MAN D . -4.55 14.18 4.44
O3 MAN D . -6.33 13.57 2.46
O4 MAN D . -6.63 16.17 1.38
O5 MAN D . -3.32 16.41 2.92
O6 MAN D . -3.52 18.96 1.73
C1 NAG E . 27.53 18.65 -30.02
C2 NAG E . 27.54 19.57 -28.78
C3 NAG E . 26.54 19.08 -27.75
C4 NAG E . 25.16 18.87 -28.38
C5 NAG E . 25.26 18.04 -29.66
C6 NAG E . 23.95 18.00 -30.41
C7 NAG E . 29.69 20.70 -28.39
C8 NAG E . 31.00 20.65 -27.66
N2 NAG E . 28.86 19.68 -28.17
O3 NAG E . 26.43 20.00 -26.68
O4 NAG E . 24.36 18.15 -27.46
O5 NAG E . 26.23 18.60 -30.55
O6 NAG E . 23.83 19.10 -31.29
O7 NAG E . 29.41 21.61 -29.16
C1 NAG E . 23.56 18.99 -26.62
C2 NAG E . 22.39 18.10 -26.24
C3 NAG E . 21.44 18.84 -25.31
C4 NAG E . 22.19 19.34 -24.10
C5 NAG E . 23.37 20.20 -24.55
C6 NAG E . 24.24 20.65 -23.40
C7 NAG E . 21.48 16.33 -27.67
C8 NAG E . 20.75 16.01 -28.94
N2 NAG E . 21.69 17.63 -27.43
O3 NAG E . 20.39 17.96 -24.93
O4 NAG E . 21.33 20.08 -23.24
O5 NAG E . 24.21 19.45 -25.44
O6 NAG E . 25.60 20.30 -23.62
O7 NAG E . 21.86 15.46 -26.91
C1 MAN E . 21.16 19.34 -22.02
C2 MAN E . 19.78 18.62 -22.07
C3 MAN E . 18.65 19.61 -21.91
C4 MAN E . 18.87 20.43 -20.65
C5 MAN E . 20.20 21.17 -20.76
C6 MAN E . 20.52 22.00 -19.53
O2 MAN E . 19.63 17.70 -20.99
O3 MAN E . 17.39 18.96 -21.85
O4 MAN E . 17.82 21.38 -20.50
O5 MAN E . 21.26 20.20 -20.90
O6 MAN E . 20.46 21.14 -18.39
C1 NAG F . -0.49 -5.77 -16.28
C2 NAG F . -0.11 -5.24 -14.91
C3 NAG F . -0.91 -5.95 -13.81
C4 NAG F . -2.40 -5.87 -14.10
C5 NAG F . -2.68 -6.44 -15.48
C6 NAG F . -4.13 -6.29 -15.89
C7 NAG F . 2.14 -4.34 -14.53
C8 NAG F . 3.58 -4.67 -14.28
N2 NAG F . 1.32 -5.39 -14.67
O3 NAG F . -0.62 -5.36 -12.55
O4 NAG F . -3.13 -6.64 -13.15
O5 NAG F . -1.92 -5.71 -16.45
O6 NAG F . -4.25 -5.89 -17.25
O7 NAG F . 1.74 -3.18 -14.60
C1 NAG F . -3.85 -5.78 -12.25
C2 NAG F . -5.28 -6.30 -12.08
C3 NAG F . -6.02 -5.49 -11.03
C4 NAG F . -5.23 -5.46 -9.73
C5 NAG F . -3.82 -4.93 -10.01
C6 NAG F . -2.93 -4.95 -8.79
C7 NAG F . -7.04 -7.09 -13.61
C8 NAG F . -7.67 -6.92 -14.97
N2 NAG F . -6.00 -6.28 -13.35
O3 NAG F . -7.30 -6.06 -10.78
O4 NAG F . -5.87 -4.62 -8.77
O5 NAG F . -3.19 -5.76 -10.99
O6 NAG F . -2.55 -6.28 -8.46
O7 NAG F . -7.46 -7.90 -12.79
C1 BMA F . -6.46 -5.47 -7.76
C2 BMA F . -6.13 -4.87 -6.38
C3 BMA F . -6.88 -5.63 -5.29
C4 BMA F . -8.37 -5.76 -5.64
C5 BMA F . -8.52 -6.41 -7.00
C6 BMA F . -9.97 -6.56 -7.43
O2 BMA F . -6.57 -3.52 -6.31
O3 BMA F . -6.73 -5.01 -4.02
O4 BMA F . -9.02 -6.55 -4.65
O5 BMA F . -7.87 -5.57 -7.97
O6 BMA F . -10.76 -6.86 -6.28
C1 MAN F . -5.31 -4.87 -3.76
C2 MAN F . -5.02 -5.61 -2.42
C3 MAN F . -5.59 -4.84 -1.24
C4 MAN F . -5.15 -3.38 -1.28
C5 MAN F . -5.58 -2.75 -2.62
C6 MAN F . -5.14 -1.31 -2.77
O2 MAN F . -3.61 -5.70 -2.18
O3 MAN F . -5.22 -5.42 0.01
O4 MAN F . -5.76 -2.65 -0.22
O5 MAN F . -4.96 -3.50 -3.69
O6 MAN F . -5.70 -0.80 -3.97
C1 MAN F . -12.14 -6.78 -6.64
C2 MAN F . -12.37 -5.40 -7.31
C3 MAN F . -12.27 -4.29 -6.26
C4 MAN F . -13.19 -4.58 -5.08
C5 MAN F . -12.82 -5.94 -4.47
C6 MAN F . -13.73 -6.34 -3.32
O2 MAN F . -13.69 -5.29 -7.85
O3 MAN F . -12.57 -3.02 -6.82
O4 MAN F . -13.05 -3.58 -4.10
O5 MAN F . -12.97 -6.95 -5.50
O6 MAN F . -15.00 -6.66 -3.84
C1 NAG G . 10.94 7.03 -35.93
C2 NAG G . 11.08 8.38 -36.70
C3 NAG G . 10.01 9.39 -36.21
C4 NAG G . 8.61 8.79 -36.34
C5 NAG G . 8.54 7.57 -35.45
C6 NAG G . 7.21 6.86 -35.51
C7 NAG G . 13.10 9.43 -37.63
C8 NAG G . 14.46 9.99 -37.32
N2 NAG G . 12.41 8.95 -36.58
O3 NAG G . 10.07 10.62 -36.91
O4 NAG G . 7.62 9.74 -35.97
O5 NAG G . 9.51 6.63 -35.89
O6 NAG G . 6.45 7.18 -36.67
O7 NAG G . 12.65 9.40 -38.77
C1 NAG H . 35.71 5.44 -16.29
C2 NAG H . 35.29 4.66 -15.03
C3 NAG H . 36.36 4.79 -13.96
C4 NAG H . 37.70 4.32 -14.50
C5 NAG H . 38.07 5.15 -15.71
C6 NAG H . 39.36 4.70 -16.37
C7 NAG H . 33.18 4.35 -13.82
C8 NAG H . 31.89 4.98 -13.38
N2 NAG H . 34.01 5.12 -14.54
O3 NAG H . 35.99 4.01 -12.83
O4 NAG H . 38.70 4.47 -13.50
O5 NAG H . 37.04 5.02 -16.71
O6 NAG H . 39.41 3.29 -16.51
O7 NAG H . 33.46 3.18 -13.54
C1 NAG I . 22.31 -7.99 -22.27
C2 NAG I . 22.48 -8.34 -20.79
C3 NAG I . 23.83 -7.84 -20.29
C4 NAG I . 24.95 -8.36 -21.17
C5 NAG I . 24.68 -8.01 -22.64
C6 NAG I . 25.70 -8.59 -23.58
C7 NAG I . 20.95 -8.40 -18.88
C8 NAG I . 19.83 -7.70 -18.17
N2 NAG I . 21.40 -7.80 -19.99
O3 NAG I . 24.01 -8.29 -18.95
O4 NAG I . 26.19 -7.79 -20.77
O5 NAG I . 23.41 -8.52 -23.03
O6 NAG I . 25.09 -9.03 -24.79
O7 NAG I . 21.42 -9.45 -18.46
#